data_6QVL
#
_entry.id   6QVL
#
_cell.length_a   160.208
_cell.length_b   160.208
_cell.length_c   209.442
_cell.angle_alpha   90.00
_cell.angle_beta   90.00
_cell.angle_gamma   120.00
#
_symmetry.space_group_name_H-M   'P 65 2 2'
#
loop_
_entity.id
_entity.type
_entity.pdbx_description
1 polymer 'Serine hydroxymethyltransferase, mitochondrial'
2 non-polymer GLYCEROL
3 non-polymer DI(HYDROXYETHYL)ETHER
4 non-polymer 'CALCIUM ION'
5 non-polymer "PYRIDOXAL-5'-PHOSPHATE"
6 non-polymer 'N-{4-[2-(2-amino-4-oxo-4,7-dihydro-3H-pyrrolo[2,3-d]pyrimidin-5-yl)ethyl]benzoyl}-L-glutamic acid'
7 water water
#
_entity_poly.entity_id   1
_entity_poly.type   'polypeptide(L)'
_entity_poly.pdbx_seq_one_letter_code
;MLYFSLFWAARPLQRCGQLVRMAIRAQHSNAAQTQTGEANRGWTGQESLSDSDPEMWELLQREKDRQCRGLELIASENFC
SRAALEALGSCLNNKYSEGYPGKRYYGGAEVVDEIELLCQRRALEAFDLDPAQWGVNVQPYSGSPANLAVYTALLQPHDR
IMGLDLPDGGHLTHGYMSDVKRISATSIFFESMPYKLNPKTGLIDYNQLALTARLFRPRLIIAGTSAYARLIDYARMREV
CDEVKAHLLADMAHISGLVAAKVIPSPFKHADIVTTTTHKTLRGARSGLIFYRKGVKAVDPKTGREIPYTFEDRINFAVF
PSLQGGPHNHAIAAVAVALKQACTPMFREYSLQVLKNARAMADALLERGYSLVSGGTDNHLVLVDLRPKGLDGARAERVL
ELVSITANKNTCPGDRSAITPGGLRLGAPALTSRQFREDDFRRVVDFIDEGVNIGLEVKSKTAKLQDFKSFLLKDSETSQ
RLANLRQRVEQFARAFPMPGFDEH
;
_entity_poly.pdbx_strand_id   A,B
#
loop_
_chem_comp.id
_chem_comp.type
_chem_comp.name
_chem_comp.formula
4DW non-polymer 'N-{4-[2-(2-amino-4-oxo-4,7-dihydro-3H-pyrrolo[2,3-d]pyrimidin-5-yl)ethyl]benzoyl}-L-glutamic acid' 'C20 H19 N5 O6'
CA non-polymer 'CALCIUM ION' 'Ca 2'
GOL non-polymer GLYCEROL 'C3 H8 O3'
PEG non-polymer DI(HYDROXYETHYL)ETHER 'C4 H10 O3'
PLP non-polymer PYRIDOXAL-5'-PHOSPHATE 'C8 H10 N O6 P'
#
# COMPACT_ATOMS: atom_id res chain seq x y z
N TRP A 43 2.04 -27.99 -10.74
CA TRP A 43 2.25 -26.62 -10.18
C TRP A 43 2.41 -26.66 -8.66
N THR A 44 3.59 -26.21 -8.20
CA THR A 44 3.91 -26.10 -6.79
C THR A 44 3.93 -24.66 -6.27
N GLY A 45 3.99 -23.67 -7.17
CA GLY A 45 4.34 -22.30 -6.79
C GLY A 45 5.71 -22.17 -6.14
N GLN A 46 6.63 -23.07 -6.49
CA GLN A 46 8.03 -23.03 -6.06
C GLN A 46 8.97 -22.88 -7.26
N GLU A 47 8.42 -22.67 -8.45
CA GLU A 47 9.20 -22.49 -9.66
C GLU A 47 9.77 -21.07 -9.62
N SER A 48 10.95 -20.89 -10.20
CA SER A 48 11.58 -19.58 -10.28
C SER A 48 10.82 -18.66 -11.24
N LEU A 49 11.02 -17.36 -11.09
CA LEU A 49 10.41 -16.37 -11.99
C LEU A 49 10.91 -16.48 -13.43
N SER A 50 12.23 -16.63 -13.62
CA SER A 50 12.82 -16.76 -14.98
C SER A 50 12.26 -17.96 -15.76
N ASP A 51 12.04 -19.07 -15.05
CA ASP A 51 11.39 -20.23 -15.65
C ASP A 51 9.92 -19.96 -15.96
N SER A 52 9.15 -19.57 -14.95
CA SER A 52 7.68 -19.54 -15.07
C SER A 52 7.12 -18.33 -15.82
N ASP A 53 7.76 -17.16 -15.72
CA ASP A 53 7.30 -15.96 -16.44
C ASP A 53 8.50 -15.26 -17.09
N PRO A 54 8.98 -15.81 -18.22
CA PRO A 54 10.15 -15.19 -18.87
C PRO A 54 9.93 -13.76 -19.36
N GLU A 55 8.71 -13.40 -19.75
CA GLU A 55 8.39 -12.03 -20.21
C GLU A 55 8.55 -10.99 -19.09
N MET A 56 8.10 -11.34 -17.89
CA MET A 56 8.28 -10.50 -16.72
C MET A 56 9.75 -10.47 -16.27
N TRP A 57 10.39 -11.64 -16.20
CA TRP A 57 11.82 -11.73 -15.85
C TRP A 57 12.72 -10.86 -16.74
N GLU A 58 12.44 -10.81 -18.04
CA GLU A 58 13.14 -9.93 -18.95
C GLU A 58 12.89 -8.43 -18.65
N LEU A 59 11.69 -8.10 -18.16
CA LEU A 59 11.38 -6.72 -17.74
C LEU A 59 12.16 -6.30 -16.48
N LEU A 60 12.16 -7.15 -15.45
CA LEU A 60 13.00 -6.90 -14.27
C LEU A 60 14.45 -6.66 -14.63
N GLN A 61 14.98 -7.48 -15.55
CA GLN A 61 16.37 -7.37 -15.95
C GLN A 61 16.66 -6.05 -16.65
N ARG A 62 15.76 -5.62 -17.54
CA ARG A 62 15.89 -4.32 -18.19
C ARG A 62 15.85 -3.12 -17.23
N GLU A 63 15.02 -3.21 -16.21
CA GLU A 63 14.93 -2.15 -15.21
C GLU A 63 16.17 -2.18 -14.36
N LYS A 64 16.68 -3.36 -14.06
CA LYS A 64 17.93 -3.45 -13.31
C LYS A 64 19.11 -2.80 -14.07
N ASP A 65 19.20 -3.10 -15.36
CA ASP A 65 20.24 -2.48 -16.22
C ASP A 65 20.09 -0.96 -16.31
N ARG A 66 18.86 -0.47 -16.50
CA ARG A 66 18.60 0.97 -16.53
C ARG A 66 19.09 1.68 -15.25
N GLN A 67 18.82 1.09 -14.08
CA GLN A 67 19.23 1.66 -12.80
C GLN A 67 20.75 1.64 -12.64
N CYS A 68 21.36 0.52 -13.02
CA CYS A 68 22.81 0.38 -12.97
C CYS A 68 23.56 1.36 -13.86
N ARG A 69 23.03 1.64 -15.04
CA ARG A 69 23.64 2.47 -16.06
C ARG A 69 23.27 3.94 -16.07
N GLY A 70 22.35 4.31 -15.22
CA GLY A 70 21.85 5.67 -15.18
C GLY A 70 22.48 6.44 -14.05
N LEU A 71 22.40 7.76 -14.15
CA LEU A 71 22.79 8.65 -13.07
C LEU A 71 21.51 9.17 -12.48
N GLU A 72 21.20 8.69 -11.28
CA GLU A 72 19.90 8.92 -10.67
C GLU A 72 19.99 10.12 -9.75
N LEU A 73 19.46 11.26 -10.22
CA LEU A 73 19.46 12.51 -9.45
C LEU A 73 18.07 12.93 -8.96
N ILE A 74 17.10 12.01 -8.98
CA ILE A 74 15.79 12.31 -8.41
C ILE A 74 15.93 12.22 -6.91
N ALA A 75 15.63 13.32 -6.23
CA ALA A 75 15.94 13.45 -4.80
C ALA A 75 15.15 12.49 -3.90
N SER A 76 13.97 12.07 -4.36
CA SER A 76 13.17 11.07 -3.69
C SER A 76 13.52 9.61 -4.04
N GLU A 77 14.53 9.38 -4.89
CA GLU A 77 14.93 8.01 -5.23
C GLU A 77 16.03 7.53 -4.33
N ASN A 78 16.05 6.22 -4.11
CA ASN A 78 17.18 5.58 -3.49
C ASN A 78 17.24 4.12 -3.95
N PHE A 79 18.22 3.38 -3.46
CA PHE A 79 18.40 1.98 -3.82
C PHE A 79 18.34 1.13 -2.57
N CYS A 80 17.32 0.28 -2.53
CA CYS A 80 17.03 -0.56 -1.40
C CYS A 80 18.04 -1.71 -1.31
N SER A 81 18.45 -2.02 -0.09
CA SER A 81 19.35 -3.12 0.19
C SER A 81 18.72 -4.47 -0.12
N ARG A 82 19.56 -5.41 -0.52
CA ARG A 82 19.19 -6.80 -0.69
C ARG A 82 18.49 -7.35 0.55
N ALA A 83 19.08 -7.12 1.71
CA ALA A 83 18.53 -7.62 2.97
C ALA A 83 17.07 -7.20 3.19
N ALA A 84 16.76 -5.94 2.89
CA ALA A 84 15.38 -5.44 3.00
C ALA A 84 14.47 -6.06 1.96
N LEU A 85 14.96 -6.21 0.73
CA LEU A 85 14.18 -6.82 -0.36
C LEU A 85 13.88 -8.31 -0.13
N GLU A 86 14.75 -9.01 0.59
CA GLU A 86 14.52 -10.42 0.92
C GLU A 86 13.32 -10.54 1.87
N ALA A 87 13.26 -9.64 2.87
CA ALA A 87 12.07 -9.53 3.72
C ALA A 87 10.82 -9.13 2.91
N LEU A 88 10.98 -8.18 2.00
CA LEU A 88 9.86 -7.68 1.20
C LEU A 88 9.19 -8.73 0.30
N GLY A 89 9.98 -9.62 -0.30
CA GLY A 89 9.46 -10.70 -1.14
C GLY A 89 9.57 -11.98 -0.35
N SER A 90 8.70 -12.11 0.65
CA SER A 90 8.77 -13.22 1.60
C SER A 90 7.38 -13.75 1.91
N CYS A 91 7.34 -14.78 2.76
CA CYS A 91 6.08 -15.45 3.12
C CYS A 91 5.21 -14.60 4.04
N LEU A 92 5.77 -13.55 4.63
CA LEU A 92 4.99 -12.52 5.32
C LEU A 92 3.89 -11.85 4.46
N ASN A 93 4.04 -11.85 3.13
CA ASN A 93 2.91 -11.51 2.24
C ASN A 93 1.63 -12.34 2.51
N ASN A 94 1.78 -13.59 2.96
CA ASN A 94 0.67 -14.52 3.08
C ASN A 94 -0.23 -14.31 4.30
N LYS A 95 0.20 -13.51 5.29
CA LYS A 95 -0.53 -13.40 6.56
C LYS A 95 -1.44 -12.16 6.68
N TYR A 96 -2.75 -12.40 6.81
CA TYR A 96 -3.72 -11.39 7.26
C TYR A 96 -3.61 -11.17 8.77
N SER A 97 -3.37 -9.93 9.19
CA SER A 97 -3.21 -9.61 10.61
C SER A 97 -3.83 -8.26 10.95
N GLU A 98 -5.07 -8.06 10.52
CA GLU A 98 -5.86 -6.87 10.86
C GLU A 98 -5.85 -6.66 12.37
N GLY A 99 -5.74 -5.39 12.78
CA GLY A 99 -5.58 -5.04 14.18
C GLY A 99 -4.15 -4.72 14.49
N TYR A 100 -3.79 -4.91 15.76
CA TYR A 100 -2.48 -4.53 16.27
C TYR A 100 -1.91 -5.69 17.08
N PRO A 101 -0.61 -5.65 17.42
CA PRO A 101 0.01 -6.70 18.22
C PRO A 101 -0.74 -6.97 19.53
N GLY A 102 -1.03 -8.24 19.80
CA GLY A 102 -1.76 -8.65 20.98
C GLY A 102 -3.26 -8.34 20.95
N LYS A 103 -3.73 -7.83 19.81
CA LYS A 103 -5.09 -7.29 19.70
C LYS A 103 -5.60 -7.43 18.25
N ARG A 104 -5.47 -8.67 17.75
CA ARG A 104 -5.76 -9.03 16.37
C ARG A 104 -7.15 -9.63 16.23
N TYR A 105 -7.72 -9.47 15.04
CA TYR A 105 -9.02 -10.05 14.72
C TYR A 105 -8.85 -11.58 14.52
N TYR A 106 -7.98 -11.95 13.59
CA TYR A 106 -7.70 -13.36 13.28
C TYR A 106 -6.57 -13.91 14.15
N GLY A 107 -6.53 -15.23 14.31
CA GLY A 107 -5.49 -15.93 15.08
C GLY A 107 -4.24 -16.27 14.28
N GLY A 108 -3.20 -16.75 14.98
CA GLY A 108 -1.96 -17.22 14.35
C GLY A 108 -0.96 -16.11 14.04
N ALA A 109 -0.96 -15.07 14.88
CA ALA A 109 -0.17 -13.87 14.64
C ALA A 109 1.02 -13.74 15.59
N GLU A 110 1.38 -14.83 16.29
CA GLU A 110 2.49 -14.81 17.27
C GLU A 110 3.76 -14.19 16.71
N VAL A 111 4.12 -14.59 15.50
CA VAL A 111 5.38 -14.17 14.88
C VAL A 111 5.24 -12.77 14.26
N VAL A 112 4.16 -12.57 13.50
CA VAL A 112 3.83 -11.26 12.92
C VAL A 112 3.72 -10.15 14.00
N ASP A 113 3.19 -10.49 15.17
CA ASP A 113 3.17 -9.58 16.31
C ASP A 113 4.58 -9.22 16.75
N GLU A 114 5.47 -10.20 16.83
CA GLU A 114 6.87 -9.94 17.16
C GLU A 114 7.57 -9.06 16.12
N ILE A 115 7.27 -9.26 14.85
CA ILE A 115 7.86 -8.45 13.78
C ILE A 115 7.38 -6.99 13.88
N GLU A 116 6.06 -6.78 13.99
CA GLU A 116 5.50 -5.42 14.10
C GLU A 116 6.03 -4.70 15.33
N LEU A 117 6.05 -5.39 16.47
CA LEU A 117 6.62 -4.81 17.69
C LEU A 117 8.10 -4.46 17.56
N LEU A 118 8.86 -5.30 16.85
CA LEU A 118 10.27 -5.05 16.60
C LEU A 118 10.43 -3.85 15.67
N CYS A 119 9.65 -3.79 14.60
CA CYS A 119 9.64 -2.61 13.73
C CYS A 119 9.38 -1.34 14.54
N GLN A 120 8.39 -1.37 15.43
CA GLN A 120 8.10 -0.25 16.34
C GLN A 120 9.31 0.19 17.17
N ARG A 121 9.97 -0.76 17.84
CA ARG A 121 11.16 -0.46 18.66
C ARG A 121 12.31 0.14 17.85
N ARG A 122 12.59 -0.44 16.70
CA ARG A 122 13.65 0.04 15.81
C ARG A 122 13.33 1.43 15.22
N ALA A 123 12.05 1.69 14.98
CA ALA A 123 11.58 3.00 14.55
C ALA A 123 11.86 4.05 15.61
N LEU A 124 11.54 3.74 16.87
CA LEU A 124 11.78 4.69 17.95
C LEU A 124 13.27 4.84 18.22
N GLU A 125 14.02 3.74 18.13
CA GLU A 125 15.47 3.77 18.31
C GLU A 125 16.17 4.58 17.20
N ALA A 126 15.71 4.44 15.96
CA ALA A 126 16.33 5.15 14.82
C ALA A 126 16.26 6.67 14.95
N PHE A 127 15.17 7.15 15.52
CA PHE A 127 14.95 8.58 15.70
C PHE A 127 15.17 9.03 17.15
N ASP A 128 15.74 8.12 17.96
CA ASP A 128 16.22 8.40 19.33
C ASP A 128 15.09 8.89 20.23
N LEU A 129 13.97 8.16 20.20
CA LEU A 129 12.76 8.57 20.91
C LEU A 129 12.51 7.72 22.14
N ASP A 130 12.20 8.39 23.24
CA ASP A 130 11.82 7.74 24.48
C ASP A 130 10.44 7.10 24.25
N PRO A 131 10.30 5.77 24.45
CA PRO A 131 8.98 5.17 24.23
C PRO A 131 7.88 5.57 25.25
N ALA A 132 8.27 6.16 26.38
CA ALA A 132 7.32 6.79 27.30
C ALA A 132 6.70 8.06 26.69
N GLN A 133 7.46 8.75 25.84
CA GLN A 133 7.05 10.02 25.22
C GLN A 133 6.52 9.93 23.77
N TRP A 134 6.91 8.88 23.04
CA TRP A 134 6.52 8.70 21.64
C TRP A 134 6.08 7.27 21.38
N GLY A 135 5.07 7.12 20.53
CA GLY A 135 4.73 5.85 19.93
C GLY A 135 4.79 6.01 18.42
N VAL A 136 4.60 4.89 17.71
CA VAL A 136 4.73 4.86 16.26
C VAL A 136 3.83 3.78 15.66
N ASN A 137 3.14 4.13 14.58
CA ASN A 137 2.33 3.18 13.85
C ASN A 137 3.09 2.81 12.59
N VAL A 138 3.29 1.51 12.35
CA VAL A 138 4.13 1.04 11.24
C VAL A 138 3.37 0.44 10.07
N GLN A 139 2.03 0.59 10.08
CA GLN A 139 1.17 0.01 9.04
C GLN A 139 0.83 0.88 7.84
N PRO A 140 1.00 2.22 7.90
CA PRO A 140 0.57 2.92 6.67
C PRO A 140 1.21 2.32 5.42
N TYR A 141 0.42 2.15 4.36
CA TYR A 141 0.91 1.53 3.13
C TYR A 141 1.94 2.37 2.39
N SER A 142 1.95 3.67 2.63
CA SER A 142 2.90 4.58 2.00
C SER A 142 2.82 5.92 2.74
N GLY A 143 3.57 6.91 2.26
CA GLY A 143 3.60 8.22 2.89
C GLY A 143 2.28 8.93 2.74
N SER A 144 1.66 8.86 1.55
CA SER A 144 0.39 9.51 1.33
C SER A 144 -0.73 8.95 2.23
N PRO A 145 -0.80 7.61 2.40
CA PRO A 145 -1.75 7.09 3.38
C PRO A 145 -1.44 7.49 4.83
N ALA A 146 -0.17 7.62 5.17
CA ALA A 146 0.19 8.07 6.51
C ALA A 146 -0.40 9.46 6.78
N ASN A 147 -0.34 10.37 5.81
CA ASN A 147 -0.87 11.73 5.96
C ASN A 147 -2.39 11.73 6.07
N LEU A 148 -3.07 10.99 5.19
CA LEU A 148 -4.54 10.90 5.24
C LEU A 148 -5.02 10.34 6.57
N ALA A 149 -4.30 9.35 7.11
CA ALA A 149 -4.66 8.76 8.40
C ALA A 149 -4.50 9.73 9.55
N VAL A 150 -3.46 10.55 9.52
CA VAL A 150 -3.30 11.62 10.53
C VAL A 150 -4.50 12.58 10.46
N TYR A 151 -4.86 13.02 9.26
CA TYR A 151 -5.95 13.97 9.13
C TYR A 151 -7.26 13.36 9.63
N THR A 152 -7.59 12.13 9.22
CA THR A 152 -8.87 11.54 9.60
C THR A 152 -8.88 11.21 11.09
N ALA A 153 -7.71 10.95 11.68
CA ALA A 153 -7.61 10.75 13.12
C ALA A 153 -7.92 11.99 13.96
N LEU A 154 -7.38 13.13 13.55
CA LEU A 154 -7.38 14.33 14.39
C LEU A 154 -8.39 15.40 14.01
N LEU A 155 -8.89 15.36 12.78
CA LEU A 155 -9.79 16.39 12.27
C LEU A 155 -11.13 15.82 11.87
N GLN A 156 -12.14 16.66 11.87
CA GLN A 156 -13.43 16.33 11.29
C GLN A 156 -13.40 16.65 9.81
N PRO A 157 -14.24 15.99 9.02
CA PRO A 157 -14.34 16.41 7.62
C PRO A 157 -14.52 17.92 7.52
N HIS A 158 -13.83 18.53 6.55
CA HIS A 158 -13.89 19.97 6.28
C HIS A 158 -13.17 20.88 7.28
N ASP A 159 -12.53 20.31 8.31
CA ASP A 159 -11.63 21.09 9.16
C ASP A 159 -10.43 21.59 8.34
N ARG A 160 -9.73 22.56 8.92
CA ARG A 160 -8.77 23.34 8.17
C ARG A 160 -7.33 22.90 8.35
N ILE A 161 -6.61 22.90 7.23
CA ILE A 161 -5.22 22.48 7.16
C ILE A 161 -4.43 23.51 6.36
N MET A 162 -3.18 23.75 6.76
CA MET A 162 -2.28 24.62 6.00
C MET A 162 -0.99 23.88 5.71
N GLY A 163 -0.57 23.91 4.45
CA GLY A 163 0.69 23.30 4.02
C GLY A 163 1.41 24.16 3.00
N LEU A 164 2.70 23.88 2.82
CA LEU A 164 3.45 24.62 1.81
C LEU A 164 2.79 24.34 0.47
N ASP A 165 2.55 25.39 -0.30
CA ASP A 165 1.95 25.24 -1.63
C ASP A 165 2.79 24.30 -2.50
N LEU A 166 2.12 23.52 -3.33
CA LEU A 166 2.77 22.54 -4.18
C LEU A 166 3.89 23.15 -5.08
N PRO A 167 3.60 24.23 -5.86
CA PRO A 167 4.68 24.83 -6.63
C PRO A 167 5.77 25.53 -5.79
N ASP A 168 5.47 25.85 -4.53
CA ASP A 168 6.44 26.41 -3.60
C ASP A 168 7.32 25.34 -2.93
N GLY A 169 7.06 24.06 -3.22
CA GLY A 169 7.87 22.96 -2.70
C GLY A 169 7.20 22.05 -1.67
N GLY A 170 5.90 22.16 -1.48
CA GLY A 170 5.17 21.22 -0.63
C GLY A 170 4.72 19.99 -1.39
N HIS A 171 3.90 19.17 -0.75
CA HIS A 171 3.48 17.88 -1.30
C HIS A 171 1.97 17.92 -1.54
N LEU A 172 1.53 17.22 -2.58
CA LEU A 172 0.09 17.01 -2.87
C LEU A 172 -0.76 16.76 -1.63
N THR A 173 -0.28 15.89 -0.74
CA THR A 173 -1.04 15.49 0.46
C THR A 173 -1.10 16.52 1.57
N HIS A 174 -0.49 17.69 1.35
CA HIS A 174 -0.61 18.81 2.28
C HIS A 174 -1.75 19.74 1.89
N GLY A 175 -2.60 19.32 0.95
CA GLY A 175 -3.68 20.14 0.44
C GLY A 175 -3.17 20.58 -0.90
N TYR A 176 -3.93 20.33 -1.94
CA TYR A 176 -3.65 21.01 -3.17
C TYR A 176 -4.88 21.08 -3.98
N MET A 177 -5.23 22.29 -4.34
CA MET A 177 -6.25 22.54 -5.33
C MET A 177 -5.74 23.68 -6.20
N SER A 178 -6.10 23.63 -7.46
CA SER A 178 -5.77 24.65 -8.41
C SER A 178 -6.90 25.66 -8.33
N ASP A 179 -6.77 26.71 -9.13
CA ASP A 179 -7.84 27.67 -9.31
C ASP A 179 -9.08 27.00 -9.93
N VAL A 180 -8.89 25.92 -10.68
CA VAL A 180 -9.99 25.24 -11.38
C VAL A 180 -10.66 24.14 -10.55
N LYS A 181 -9.87 23.29 -9.87
CA LYS A 181 -10.47 22.20 -9.09
C LYS A 181 -9.65 21.60 -7.95
N ARG A 182 -10.32 20.77 -7.16
CA ARG A 182 -9.72 20.09 -6.03
C ARG A 182 -8.95 18.89 -6.57
N ILE A 183 -7.71 18.75 -6.14
CA ILE A 183 -6.78 17.82 -6.75
C ILE A 183 -6.41 16.75 -5.75
N SER A 184 -5.85 17.14 -4.62
CA SER A 184 -5.60 16.19 -3.54
C SER A 184 -6.90 15.87 -2.80
N ALA A 185 -7.08 14.60 -2.45
CA ALA A 185 -8.14 14.18 -1.54
C ALA A 185 -8.07 14.94 -0.20
N THR A 186 -6.88 15.38 0.17
CA THR A 186 -6.70 16.29 1.29
C THR A 186 -7.54 17.57 1.17
N SER A 187 -7.67 18.08 -0.05
CA SER A 187 -8.49 19.26 -0.36
C SER A 187 -9.98 18.98 -0.55
N ILE A 188 -10.35 17.71 -0.67
CA ILE A 188 -11.75 17.29 -0.91
C ILE A 188 -12.44 17.05 0.42
N PHE A 189 -11.81 16.23 1.26
CA PHE A 189 -12.36 15.88 2.57
C PHE A 189 -12.03 16.89 3.63
N PHE A 190 -11.01 17.73 3.40
CA PHE A 190 -10.65 18.79 4.33
C PHE A 190 -10.49 20.12 3.61
N GLU A 191 -10.34 21.20 4.35
CA GLU A 191 -10.29 22.54 3.74
C GLU A 191 -8.87 23.08 3.90
N SER A 192 -8.15 23.17 2.80
CA SER A 192 -6.76 23.59 2.83
C SER A 192 -6.62 25.02 2.35
N MET A 193 -5.61 25.69 2.90
CA MET A 193 -5.12 26.95 2.37
C MET A 193 -3.59 26.86 2.41
N PRO A 194 -2.93 27.12 1.30
CA PRO A 194 -1.48 26.95 1.34
C PRO A 194 -0.77 28.15 1.96
N TYR A 195 0.49 27.94 2.35
CA TYR A 195 1.40 29.04 2.63
C TYR A 195 2.52 29.02 1.61
N LYS A 196 3.32 30.09 1.60
CA LYS A 196 4.19 30.38 0.47
C LYS A 196 5.62 30.65 0.86
N LEU A 197 6.51 30.49 -0.12
CA LEU A 197 7.87 31.02 -0.05
C LEU A 197 7.88 32.54 -0.13
N ASN A 198 8.91 33.16 0.44
CA ASN A 198 9.27 34.52 0.12
C ASN A 198 10.10 34.45 -1.16
N PRO A 199 9.57 34.94 -2.29
CA PRO A 199 10.36 34.80 -3.53
C PRO A 199 11.74 35.49 -3.54
N LYS A 200 11.93 36.51 -2.69
CA LYS A 200 13.20 37.22 -2.56
C LYS A 200 14.33 36.33 -2.06
N THR A 201 14.01 35.45 -1.09
CA THR A 201 15.00 34.59 -0.45
C THR A 201 14.90 33.10 -0.83
N GLY A 202 13.80 32.68 -1.46
CA GLY A 202 13.52 31.26 -1.67
C GLY A 202 13.31 30.45 -0.38
N LEU A 203 12.96 31.13 0.70
CA LEU A 203 12.73 30.50 1.98
C LEU A 203 11.24 30.59 2.30
N ILE A 204 10.78 29.71 3.20
CA ILE A 204 9.41 29.76 3.69
C ILE A 204 9.22 31.10 4.38
N ASP A 205 8.13 31.77 4.04
CA ASP A 205 7.79 33.07 4.61
C ASP A 205 7.03 32.83 5.91
N TYR A 206 7.77 32.63 6.98
CA TYR A 206 7.18 32.36 8.28
C TYR A 206 6.28 33.51 8.77
N ASN A 207 6.63 34.76 8.41
CA ASN A 207 5.82 35.93 8.80
C ASN A 207 4.45 35.92 8.14
N GLN A 208 4.41 35.64 6.84
CA GLN A 208 3.13 35.56 6.14
C GLN A 208 2.33 34.34 6.62
N LEU A 209 2.99 33.24 7.00
CA LEU A 209 2.27 32.11 7.61
C LEU A 209 1.58 32.54 8.90
N ALA A 210 2.33 33.19 9.80
CA ALA A 210 1.79 33.65 11.08
C ALA A 210 0.56 34.54 10.88
N LEU A 211 0.67 35.49 9.97
CA LEU A 211 -0.40 36.47 9.64
C LEU A 211 -1.66 35.79 9.12
N THR A 212 -1.44 34.87 8.22
CA THR A 212 -2.47 34.29 7.42
C THR A 212 -3.15 33.14 8.21
N ALA A 213 -2.41 32.48 9.09
CA ALA A 213 -2.96 31.45 9.96
C ALA A 213 -3.86 32.06 11.02
N ARG A 214 -3.56 33.28 11.46
CA ARG A 214 -4.46 34.00 12.37
C ARG A 214 -5.84 34.22 11.78
N LEU A 215 -5.91 34.45 10.48
CA LEU A 215 -7.17 34.68 9.79
C LEU A 215 -7.90 33.37 9.47
N PHE A 216 -7.19 32.43 8.88
CA PHE A 216 -7.76 31.14 8.43
C PHE A 216 -8.12 30.17 9.57
N ARG A 217 -7.32 30.25 10.63
N ARG A 217 -7.40 30.24 10.68
CA ARG A 217 -7.43 29.44 11.85
CA ARG A 217 -7.63 29.35 11.83
C ARG A 217 -7.47 27.93 11.58
C ARG A 217 -7.54 27.86 11.46
N PRO A 218 -6.34 27.40 11.06
CA PRO A 218 -6.20 25.98 10.79
C PRO A 218 -6.22 25.15 12.06
N ARG A 219 -6.76 23.94 11.96
CA ARG A 219 -6.63 22.94 13.04
C ARG A 219 -5.33 22.19 12.98
N LEU A 220 -4.66 22.20 11.83
CA LEU A 220 -3.45 21.44 11.62
C LEU A 220 -2.60 22.21 10.61
N ILE A 221 -1.31 22.39 10.95
CA ILE A 221 -0.34 22.98 10.03
C ILE A 221 0.73 21.94 9.81
N ILE A 222 1.14 21.81 8.54
CA ILE A 222 2.12 20.82 8.11
C ILE A 222 3.45 21.51 7.80
N ALA A 223 4.49 21.08 8.50
CA ALA A 223 5.86 21.47 8.21
C ALA A 223 6.52 20.31 7.50
N GLY A 224 6.81 20.49 6.22
CA GLY A 224 7.48 19.46 5.46
C GLY A 224 7.42 19.74 3.98
N THR A 225 8.43 19.25 3.28
CA THR A 225 8.67 19.66 1.91
C THR A 225 9.10 18.50 1.01
N SER A 226 8.86 18.72 -0.27
CA SER A 226 9.32 17.85 -1.36
C SER A 226 10.44 18.47 -2.20
N ALA A 227 10.44 19.79 -2.35
CA ALA A 227 11.41 20.48 -3.17
C ALA A 227 11.85 21.75 -2.44
N TYR A 228 12.71 21.56 -1.44
CA TYR A 228 13.21 22.64 -0.60
C TYR A 228 14.62 22.27 -0.13
N ALA A 229 15.57 23.20 -0.34
CA ALA A 229 16.99 22.96 -0.10
C ALA A 229 17.42 23.33 1.29
N ARG A 230 16.51 23.85 2.10
CA ARG A 230 16.85 24.42 3.39
C ARG A 230 16.18 23.71 4.54
N LEU A 231 16.58 24.07 5.75
CA LEU A 231 16.05 23.47 6.97
C LEU A 231 14.84 24.28 7.41
N ILE A 232 13.81 23.57 7.87
CA ILE A 232 12.56 24.20 8.29
C ILE A 232 12.75 24.68 9.72
N ASP A 233 12.30 25.89 9.96
CA ASP A 233 12.32 26.45 11.30
C ASP A 233 11.14 25.87 12.08
N TYR A 234 11.32 24.65 12.60
CA TYR A 234 10.24 23.96 13.31
C TYR A 234 9.82 24.70 14.56
N ALA A 235 10.78 25.35 15.22
CA ALA A 235 10.49 26.18 16.40
C ALA A 235 9.49 27.28 16.06
N ARG A 236 9.72 27.96 14.95
CA ARG A 236 8.79 29.00 14.50
C ARG A 236 7.40 28.46 14.11
N MET A 237 7.38 27.34 13.39
N MET A 237 7.37 27.33 13.40
CA MET A 237 6.13 26.63 13.07
CA MET A 237 6.11 26.64 13.07
C MET A 237 5.33 26.32 14.33
C MET A 237 5.32 26.33 14.34
N ARG A 238 6.03 25.82 15.34
CA ARG A 238 5.44 25.52 16.64
C ARG A 238 4.80 26.74 17.31
N GLU A 239 5.46 27.88 17.25
CA GLU A 239 4.93 29.14 17.84
C GLU A 239 3.64 29.56 17.17
N VAL A 240 3.61 29.47 15.84
CA VAL A 240 2.41 29.79 15.08
C VAL A 240 1.28 28.82 15.44
N CYS A 241 1.62 27.53 15.60
CA CYS A 241 0.63 26.51 15.97
C CYS A 241 0.08 26.74 17.38
N ASP A 242 0.96 26.96 18.35
CA ASP A 242 0.56 27.29 19.73
C ASP A 242 -0.36 28.52 19.76
N GLU A 243 -0.04 29.54 18.99
CA GLU A 243 -0.82 30.77 18.96
C GLU A 243 -2.24 30.57 18.43
N VAL A 244 -2.40 29.91 17.28
CA VAL A 244 -3.74 29.65 16.73
C VAL A 244 -4.38 28.32 17.20
N LYS A 245 -3.74 27.60 18.13
CA LYS A 245 -4.26 26.32 18.64
C LYS A 245 -4.48 25.31 17.50
N ALA A 246 -3.37 24.93 16.89
CA ALA A 246 -3.35 23.97 15.80
C ALA A 246 -2.33 22.91 16.15
N HIS A 247 -2.55 21.69 15.66
CA HIS A 247 -1.57 20.62 15.79
C HIS A 247 -0.48 20.94 14.78
N LEU A 248 0.76 20.66 15.13
CA LEU A 248 1.86 20.70 14.18
C LEU A 248 2.16 19.28 13.70
N LEU A 249 2.12 19.06 12.39
CA LEU A 249 2.56 17.81 11.76
C LEU A 249 3.85 18.08 11.03
N ALA A 250 4.89 17.30 11.33
CA ALA A 250 6.11 17.36 10.54
C ALA A 250 6.05 16.19 9.58
N ASP A 251 6.05 16.47 8.28
CA ASP A 251 6.12 15.44 7.26
C ASP A 251 7.57 15.40 6.76
N MET A 252 8.38 14.56 7.38
CA MET A 252 9.82 14.52 7.14
C MET A 252 10.26 13.52 6.06
N ALA A 253 9.37 13.11 5.18
CA ALA A 253 9.63 12.06 4.21
C ALA A 253 10.96 12.22 3.47
N HIS A 254 11.18 13.42 2.91
CA HIS A 254 12.38 13.69 2.10
C HIS A 254 13.67 13.64 2.91
N ILE A 255 13.59 13.96 4.19
CA ILE A 255 14.77 14.20 5.03
C ILE A 255 14.93 13.20 6.16
N SER A 256 14.08 12.17 6.21
CA SER A 256 13.98 11.31 7.40
C SER A 256 15.28 10.62 7.78
N GLY A 257 16.01 10.14 6.79
CA GLY A 257 17.33 9.53 7.02
C GLY A 257 18.37 10.48 7.57
N LEU A 258 18.31 11.74 7.15
CA LEU A 258 19.20 12.79 7.67
C LEU A 258 18.83 13.03 9.13
N VAL A 259 17.53 13.03 9.43
CA VAL A 259 17.07 13.19 10.81
C VAL A 259 17.53 12.01 11.67
N ALA A 260 17.36 10.79 11.18
CA ALA A 260 17.79 9.57 11.90
C ALA A 260 19.26 9.60 12.25
N ALA A 261 20.08 9.98 11.27
CA ALA A 261 21.52 10.06 11.43
C ALA A 261 22.00 11.27 12.24
N LYS A 262 21.11 12.21 12.56
CA LYS A 262 21.43 13.41 13.36
C LYS A 262 22.42 14.34 12.67
N VAL A 263 22.29 14.44 11.36
CA VAL A 263 23.14 15.36 10.59
C VAL A 263 22.41 16.67 10.31
N ILE A 264 21.11 16.74 10.62
CA ILE A 264 20.31 17.98 10.61
C ILE A 264 19.37 17.96 11.82
N PRO A 265 18.86 19.14 12.24
CA PRO A 265 17.97 19.17 13.39
C PRO A 265 16.67 18.36 13.20
N SER A 266 16.14 17.89 14.32
CA SER A 266 15.06 16.91 14.34
C SER A 266 13.74 17.62 14.49
N PRO A 267 12.75 17.30 13.64
CA PRO A 267 11.44 17.87 13.88
C PRO A 267 10.76 17.34 15.13
N PHE A 268 11.26 16.23 15.67
CA PHE A 268 10.69 15.65 16.89
C PHE A 268 10.83 16.55 18.12
N LYS A 269 11.72 17.54 18.09
CA LYS A 269 11.82 18.48 19.22
C LYS A 269 10.57 19.35 19.32
N HIS A 270 9.89 19.59 18.19
CA HIS A 270 8.77 20.53 18.15
C HIS A 270 7.41 20.00 17.67
N ALA A 271 7.38 18.92 16.90
CA ALA A 271 6.13 18.47 16.32
C ALA A 271 5.33 17.54 17.26
N ASP A 272 4.01 17.62 17.14
CA ASP A 272 3.09 16.72 17.82
C ASP A 272 3.08 15.34 17.15
N ILE A 273 3.01 15.38 15.83
CA ILE A 273 2.91 14.22 14.97
C ILE A 273 3.99 14.32 13.89
N VAL A 274 4.65 13.21 13.59
CA VAL A 274 5.61 13.15 12.49
C VAL A 274 5.23 12.01 11.56
N THR A 275 5.00 12.32 10.28
CA THR A 275 4.85 11.31 9.25
C THR A 275 6.14 11.20 8.44
N THR A 276 6.33 10.02 7.86
CA THR A 276 7.39 9.79 6.91
C THR A 276 7.12 8.61 6.01
N THR A 277 7.81 8.63 4.88
CA THR A 277 8.02 7.42 4.10
C THR A 277 9.17 6.62 4.73
N THR A 278 9.29 5.38 4.30
CA THR A 278 10.39 4.50 4.72
C THR A 278 11.42 4.27 3.63
N HIS A 279 10.99 4.50 2.39
CA HIS A 279 11.88 4.65 1.24
C HIS A 279 12.58 6.05 1.29
N LYS A 280 13.07 6.58 0.18
CA LYS A 280 13.79 7.87 0.16
C LYS A 280 15.05 7.77 1.00
N THR A 281 15.36 8.78 1.81
CA THR A 281 16.66 8.83 2.51
C THR A 281 16.85 7.73 3.56
N LEU A 282 15.78 7.10 4.03
CA LEU A 282 15.85 5.91 4.92
C LEU A 282 16.19 4.62 4.19
N ARG A 283 15.93 4.57 2.89
CA ARG A 283 16.49 3.54 2.04
C ARG A 283 15.83 2.18 2.28
N GLY A 284 14.56 2.18 2.70
CA GLY A 284 13.80 0.94 2.91
C GLY A 284 12.86 0.60 1.76
N ALA A 285 11.98 -0.35 2.02
CA ALA A 285 10.86 -0.62 1.13
C ALA A 285 9.86 0.52 1.20
N ARG A 286 9.00 0.61 0.18
CA ARG A 286 7.92 1.59 0.16
C ARG A 286 6.89 1.27 1.21
N SER A 287 6.74 2.20 2.14
CA SER A 287 5.82 2.08 3.26
C SER A 287 5.81 3.45 3.95
N GLY A 288 5.09 3.56 5.06
CA GLY A 288 4.92 4.80 5.79
C GLY A 288 5.00 4.57 7.28
N LEU A 289 5.14 5.68 8.02
CA LEU A 289 5.17 5.67 9.47
C LEU A 289 4.44 6.91 9.99
N ILE A 290 3.75 6.75 11.12
CA ILE A 290 3.17 7.86 11.86
C ILE A 290 3.73 7.77 13.26
N PHE A 291 4.49 8.79 13.68
CA PHE A 291 4.95 8.92 15.06
C PHE A 291 4.04 9.93 15.76
N TYR A 292 3.76 9.71 17.03
CA TYR A 292 2.87 10.57 17.81
C TYR A 292 3.35 10.68 19.25
N ARG A 293 3.16 11.83 19.88
CA ARG A 293 3.45 11.95 21.31
C ARG A 293 2.40 11.21 22.14
N LYS A 294 2.86 10.72 23.30
CA LYS A 294 2.01 10.05 24.29
C LYS A 294 2.49 10.40 25.70
N GLY A 295 1.66 10.11 26.69
CA GLY A 295 1.90 10.51 28.09
C GLY A 295 1.30 11.87 28.41
N VAL A 296 1.91 12.58 29.35
CA VAL A 296 1.43 13.92 29.77
C VAL A 296 1.87 15.03 28.81
N LYS A 297 0.97 16.00 28.56
CA LYS A 297 1.35 17.25 27.93
C LYS A 297 2.14 18.11 28.91
N ILE A 307 -3.14 15.92 32.54
CA ILE A 307 -3.56 16.35 31.20
C ILE A 307 -2.81 15.57 30.09
N PRO A 308 -3.41 14.45 29.58
CA PRO A 308 -2.66 13.57 28.68
C PRO A 308 -2.76 13.95 27.18
N TYR A 309 -1.81 13.44 26.40
CA TYR A 309 -1.91 13.43 24.94
C TYR A 309 -2.90 12.34 24.57
N THR A 310 -3.70 12.61 23.52
CA THR A 310 -4.76 11.72 23.05
C THR A 310 -4.65 11.38 21.55
N PHE A 311 -3.41 11.24 21.07
CA PHE A 311 -3.14 10.92 19.66
C PHE A 311 -3.16 9.42 19.40
N GLU A 312 -2.48 8.66 20.27
CA GLU A 312 -2.29 7.21 20.10
C GLU A 312 -3.52 6.45 19.61
N ASP A 313 -4.61 6.49 20.38
CA ASP A 313 -5.78 5.68 20.07
C ASP A 313 -6.45 6.18 18.80
N ARG A 314 -6.50 7.50 18.63
CA ARG A 314 -7.07 8.10 17.41
C ARG A 314 -6.28 7.77 16.13
N ILE A 315 -4.95 7.84 16.21
CA ILE A 315 -4.10 7.58 15.04
C ILE A 315 -4.27 6.11 14.65
N ASN A 316 -4.12 5.23 15.63
CA ASN A 316 -4.23 3.78 15.41
C ASN A 316 -5.59 3.36 14.85
N PHE A 317 -6.66 3.96 15.36
CA PHE A 317 -8.02 3.69 14.85
C PHE A 317 -8.22 4.16 13.40
N ALA A 318 -7.64 5.30 13.08
CA ALA A 318 -7.75 5.84 11.73
C ALA A 318 -7.06 4.93 10.71
N VAL A 319 -5.89 4.42 11.06
CA VAL A 319 -5.17 3.51 10.15
C VAL A 319 -5.98 2.22 9.98
N PHE A 320 -6.34 1.61 11.12
CA PHE A 320 -7.26 0.48 11.14
C PHE A 320 -8.12 0.52 12.39
N PRO A 321 -9.45 0.51 12.26
CA PRO A 321 -10.20 0.07 11.06
C PRO A 321 -10.64 1.12 10.03
N SER A 322 -10.42 2.41 10.27
CA SER A 322 -11.05 3.41 9.40
C SER A 322 -10.57 3.36 7.96
N LEU A 323 -9.28 3.30 7.72
CA LEU A 323 -8.78 3.49 6.34
C LEU A 323 -8.24 2.24 5.64
N GLN A 324 -7.41 1.48 6.34
CA GLN A 324 -6.70 0.36 5.72
C GLN A 324 -7.35 -0.97 6.10
N GLY A 325 -6.99 -2.00 5.36
CA GLY A 325 -7.33 -3.36 5.70
C GLY A 325 -6.15 -4.07 6.36
N GLY A 326 -5.76 -5.20 5.78
CA GLY A 326 -4.69 -5.99 6.31
C GLY A 326 -3.36 -5.29 6.16
N PRO A 327 -2.53 -5.27 7.21
CA PRO A 327 -1.16 -4.80 7.12
C PRO A 327 -0.37 -5.56 6.07
N HIS A 328 0.56 -4.87 5.42
CA HIS A 328 1.49 -5.52 4.50
C HIS A 328 2.72 -5.87 5.29
N ASN A 329 2.66 -7.04 5.94
CA ASN A 329 3.69 -7.50 6.88
C ASN A 329 5.07 -7.70 6.27
N HIS A 330 5.07 -8.09 5.01
CA HIS A 330 6.30 -8.13 4.23
C HIS A 330 7.00 -6.76 4.13
N ALA A 331 6.22 -5.71 3.88
CA ALA A 331 6.76 -4.34 3.89
C ALA A 331 7.25 -3.95 5.29
N ILE A 332 6.44 -4.25 6.31
CA ILE A 332 6.78 -3.94 7.70
C ILE A 332 8.12 -4.55 8.08
N ALA A 333 8.34 -5.80 7.68
CA ALA A 333 9.61 -6.49 7.92
C ALA A 333 10.78 -5.81 7.22
N ALA A 334 10.62 -5.50 5.94
CA ALA A 334 11.63 -4.76 5.17
C ALA A 334 11.98 -3.42 5.81
N VAL A 335 10.97 -2.74 6.35
CA VAL A 335 11.15 -1.47 7.01
C VAL A 335 11.93 -1.64 8.30
N ALA A 336 11.60 -2.70 9.05
CA ALA A 336 12.37 -3.05 10.24
C ALA A 336 13.84 -3.27 9.91
N VAL A 337 14.11 -3.92 8.79
CA VAL A 337 15.48 -4.18 8.36
C VAL A 337 16.21 -2.85 8.06
N ALA A 338 15.56 -1.97 7.31
CA ALA A 338 16.14 -0.65 6.98
C ALA A 338 16.30 0.23 8.22
N LEU A 339 15.34 0.18 9.14
CA LEU A 339 15.43 0.96 10.37
C LEU A 339 16.60 0.52 11.25
N LYS A 340 16.89 -0.77 11.27
CA LYS A 340 18.07 -1.29 11.97
C LYS A 340 19.35 -0.80 11.30
N GLN A 341 19.39 -0.84 9.96
CA GLN A 341 20.50 -0.24 9.19
C GLN A 341 20.70 1.25 9.52
N ALA A 342 19.61 1.98 9.73
CA ALA A 342 19.66 3.42 10.02
C ALA A 342 20.15 3.79 11.41
N CYS A 343 20.29 2.83 12.32
CA CYS A 343 20.85 3.09 13.65
C CYS A 343 22.37 2.96 13.71
N THR A 344 23.02 2.56 12.61
CA THR A 344 24.44 2.22 12.64
C THR A 344 25.36 3.43 12.34
N PRO A 345 26.66 3.31 12.68
CA PRO A 345 27.69 4.24 12.20
C PRO A 345 27.75 4.38 10.69
N MET A 346 27.62 3.25 9.98
CA MET A 346 27.59 3.23 8.53
C MET A 346 26.59 4.24 7.96
N PHE A 347 25.43 4.33 8.59
CA PHE A 347 24.33 5.17 8.08
C PHE A 347 24.53 6.66 8.38
N ARG A 348 25.10 6.96 9.54
CA ARG A 348 25.51 8.32 9.84
C ARG A 348 26.53 8.79 8.82
N GLU A 349 27.52 7.95 8.52
CA GLU A 349 28.54 8.29 7.53
C GLU A 349 27.94 8.46 6.13
N TYR A 350 26.99 7.59 5.78
CA TYR A 350 26.20 7.76 4.55
C TYR A 350 25.50 9.13 4.51
N SER A 351 24.82 9.49 5.60
CA SER A 351 24.01 10.70 5.62
C SER A 351 24.88 11.95 5.60
N LEU A 352 25.99 11.95 6.34
CA LEU A 352 27.03 12.99 6.19
C LEU A 352 27.50 13.14 4.75
N GLN A 353 27.74 12.03 4.10
CA GLN A 353 28.23 12.05 2.72
C GLN A 353 27.19 12.63 1.76
N VAL A 354 25.91 12.35 2.01
CA VAL A 354 24.81 12.90 1.21
C VAL A 354 24.86 14.43 1.26
N LEU A 355 25.03 14.97 2.46
CA LEU A 355 25.14 16.42 2.64
C LEU A 355 26.35 16.99 1.91
N LYS A 356 27.50 16.34 2.07
CA LYS A 356 28.73 16.79 1.40
C LYS A 356 28.61 16.74 -0.11
N ASN A 357 28.00 15.67 -0.62
CA ASN A 357 27.79 15.52 -2.05
C ASN A 357 26.83 16.58 -2.61
N ALA A 358 25.80 16.94 -1.85
CA ALA A 358 24.86 17.95 -2.30
C ALA A 358 25.58 19.30 -2.33
N ARG A 359 26.31 19.61 -1.27
CA ARG A 359 27.20 20.79 -1.23
C ARG A 359 28.15 20.84 -2.42
N ALA A 360 28.81 19.72 -2.68
CA ALA A 360 29.78 19.63 -3.77
C ALA A 360 29.10 19.89 -5.11
N MET A 361 27.90 19.33 -5.28
CA MET A 361 27.10 19.55 -6.48
C MET A 361 26.66 21.01 -6.61
N ALA A 362 26.25 21.59 -5.49
CA ALA A 362 25.89 23.01 -5.44
C ALA A 362 27.08 23.90 -5.82
N ASP A 363 28.22 23.71 -5.14
CA ASP A 363 29.45 24.48 -5.42
C ASP A 363 29.86 24.32 -6.88
N ALA A 364 29.89 23.09 -7.36
CA ALA A 364 30.23 22.80 -8.76
C ALA A 364 29.33 23.52 -9.75
N LEU A 365 28.05 23.63 -9.41
CA LEU A 365 27.11 24.37 -10.27
C LEU A 365 27.37 25.88 -10.24
N LEU A 366 27.66 26.42 -9.06
CA LEU A 366 27.93 27.85 -8.91
C LEU A 366 29.15 28.25 -9.73
N GLU A 367 30.26 27.55 -9.53
CA GLU A 367 31.49 27.74 -10.32
C GLU A 367 31.27 27.76 -11.83
N ARG A 368 30.35 26.93 -12.33
CA ARG A 368 30.03 26.91 -13.76
C ARG A 368 28.95 27.93 -14.16
N GLY A 369 28.58 28.81 -13.22
CA GLY A 369 27.74 29.98 -13.49
C GLY A 369 26.23 29.79 -13.34
N TYR A 370 25.82 28.75 -12.64
CA TYR A 370 24.40 28.47 -12.43
C TYR A 370 23.88 29.21 -11.21
N SER A 371 22.58 29.48 -11.22
CA SER A 371 21.89 30.06 -10.06
C SER A 371 21.17 28.98 -9.28
N LEU A 372 21.32 29.02 -7.96
CA LEU A 372 20.61 28.12 -7.06
C LEU A 372 19.52 28.87 -6.29
N VAL A 373 18.31 28.31 -6.29
CA VAL A 373 17.20 28.89 -5.54
C VAL A 373 17.56 28.77 -4.08
N SER A 374 17.38 29.86 -3.35
CA SER A 374 17.91 30.05 -1.99
C SER A 374 19.44 30.14 -1.86
N GLY A 375 20.14 30.23 -3.00
CA GLY A 375 21.61 30.41 -3.02
C GLY A 375 22.49 29.21 -2.67
N GLY A 376 21.89 28.04 -2.41
CA GLY A 376 22.64 26.88 -1.92
C GLY A 376 21.79 25.79 -1.30
N THR A 377 22.39 24.98 -0.42
CA THR A 377 21.66 23.90 0.22
C THR A 377 22.18 23.60 1.60
N ASP A 378 21.28 23.19 2.50
CA ASP A 378 21.64 22.66 3.81
C ASP A 378 21.22 21.20 3.96
N ASN A 379 20.76 20.58 2.87
CA ASN A 379 20.27 19.21 2.93
C ASN A 379 20.75 18.37 1.75
N HIS A 380 19.92 17.46 1.29
CA HIS A 380 20.31 16.40 0.36
C HIS A 380 20.13 16.76 -1.10
N LEU A 381 19.55 17.92 -1.40
CA LEU A 381 19.20 18.28 -2.77
C LEU A 381 19.56 19.72 -3.07
N VAL A 382 19.68 20.04 -4.36
CA VAL A 382 19.82 21.43 -4.78
C VAL A 382 18.75 21.78 -5.80
N LEU A 383 18.33 23.04 -5.76
CA LEU A 383 17.35 23.58 -6.70
C LEU A 383 18.07 24.54 -7.65
N VAL A 384 18.13 24.18 -8.92
CA VAL A 384 18.79 24.98 -9.93
C VAL A 384 17.74 25.81 -10.62
N ASP A 385 18.01 27.10 -10.78
CA ASP A 385 17.18 28.03 -11.54
C ASP A 385 17.89 28.21 -12.89
N LEU A 386 17.28 27.68 -13.95
CA LEU A 386 17.88 27.68 -15.28
C LEU A 386 17.54 28.90 -16.12
N ARG A 387 16.62 29.76 -15.66
CA ARG A 387 16.18 30.91 -16.46
C ARG A 387 17.32 31.89 -16.82
N PRO A 388 18.20 32.22 -15.86
CA PRO A 388 19.37 33.06 -16.20
C PRO A 388 20.31 32.46 -17.26
N LYS A 389 20.28 31.13 -17.41
CA LYS A 389 21.10 30.42 -18.40
C LYS A 389 20.44 30.38 -19.77
N GLY A 390 19.16 30.77 -19.85
CA GLY A 390 18.42 30.78 -21.12
C GLY A 390 17.67 29.49 -21.45
N LEU A 391 17.66 28.54 -20.52
CA LEU A 391 16.92 27.28 -20.69
C LEU A 391 15.91 27.12 -19.56
N ASP A 392 14.99 26.19 -19.73
CA ASP A 392 14.01 25.89 -18.70
C ASP A 392 14.15 24.43 -18.28
N GLY A 393 13.43 24.08 -17.22
CA GLY A 393 13.43 22.75 -16.66
C GLY A 393 12.90 21.64 -17.54
N ALA A 394 11.84 21.93 -18.30
CA ALA A 394 11.20 20.91 -19.15
C ALA A 394 12.10 20.49 -20.31
N ARG A 395 12.91 21.43 -20.78
CA ARG A 395 13.88 21.17 -21.82
C ARG A 395 15.08 20.41 -21.27
N ALA A 396 15.64 20.92 -20.18
CA ALA A 396 16.82 20.30 -19.55
C ALA A 396 16.52 18.87 -19.13
N GLU A 397 15.40 18.68 -18.45
CA GLU A 397 14.94 17.37 -17.97
C GLU A 397 14.88 16.32 -19.10
N ARG A 398 14.33 16.71 -20.23
CA ARG A 398 14.18 15.78 -21.35
C ARG A 398 15.54 15.44 -22.00
N VAL A 399 16.42 16.43 -22.11
CA VAL A 399 17.75 16.20 -22.66
C VAL A 399 18.52 15.26 -21.77
N LEU A 400 18.50 15.53 -20.47
CA LEU A 400 19.23 14.73 -19.49
C LEU A 400 18.72 13.29 -19.45
N GLU A 401 17.40 13.12 -19.57
CA GLU A 401 16.76 11.80 -19.64
C GLU A 401 17.30 10.96 -20.80
N LEU A 402 17.50 11.60 -21.96
CA LEU A 402 18.01 10.89 -23.15
C LEU A 402 19.50 10.53 -23.02
N VAL A 403 20.23 11.20 -22.12
CA VAL A 403 21.60 10.80 -21.78
C VAL A 403 21.72 10.05 -20.44
N SER A 404 20.61 9.46 -19.99
CA SER A 404 20.54 8.57 -18.82
C SER A 404 20.80 9.25 -17.46
N ILE A 405 20.52 10.55 -17.40
CA ILE A 405 20.53 11.31 -16.18
C ILE A 405 19.07 11.66 -15.87
N THR A 406 18.56 11.16 -14.75
CA THR A 406 17.17 11.43 -14.38
C THR A 406 17.13 12.50 -13.29
N ALA A 407 16.56 13.65 -13.66
CA ALA A 407 16.34 14.78 -12.75
C ALA A 407 14.89 15.24 -12.96
N ASN A 408 14.44 16.19 -12.13
CA ASN A 408 13.06 16.72 -12.19
C ASN A 408 13.07 18.19 -12.54
N LYS A 409 12.18 18.58 -13.45
CA LYS A 409 11.83 19.99 -13.59
C LYS A 409 11.15 20.46 -12.31
N ASN A 410 11.27 21.76 -12.06
CA ASN A 410 10.91 22.34 -10.78
C ASN A 410 10.56 23.81 -10.97
N THR A 411 9.38 24.20 -10.49
CA THR A 411 8.91 25.59 -10.56
C THR A 411 9.83 26.45 -9.70
N CYS A 412 10.17 27.63 -10.21
CA CYS A 412 10.98 28.59 -9.45
C CYS A 412 10.07 29.61 -8.81
N PRO A 413 10.53 30.23 -7.69
CA PRO A 413 9.70 31.18 -6.97
C PRO A 413 9.34 32.39 -7.83
N GLY A 414 8.08 32.79 -7.81
CA GLY A 414 7.59 33.92 -8.60
C GLY A 414 6.84 33.51 -9.86
N ASP A 415 7.29 32.45 -10.53
CA ASP A 415 6.58 31.92 -11.71
C ASP A 415 5.30 31.23 -11.31
N ARG A 416 4.45 30.97 -12.29
CA ARG A 416 3.11 30.42 -12.03
C ARG A 416 3.08 28.90 -12.17
N SER A 417 2.02 28.31 -11.61
CA SER A 417 1.70 26.89 -11.83
C SER A 417 0.88 26.83 -13.13
N ALA A 418 1.59 27.02 -14.24
CA ALA A 418 0.99 27.25 -15.59
C ALA A 418 2.11 27.49 -16.60
N ILE A 419 2.99 28.45 -16.28
CA ILE A 419 4.17 28.76 -17.08
C ILE A 419 5.15 27.59 -16.94
N THR A 420 5.87 27.25 -18.01
CA THR A 420 6.71 26.03 -18.04
C THR A 420 7.98 26.17 -17.17
N PRO A 421 8.24 25.18 -16.29
CA PRO A 421 9.08 25.44 -15.10
C PRO A 421 10.51 25.84 -15.41
N GLY A 422 11.02 26.83 -14.70
CA GLY A 422 12.34 27.38 -15.00
C GLY A 422 13.49 26.75 -14.26
N GLY A 423 13.23 25.65 -13.54
CA GLY A 423 14.21 25.09 -12.63
C GLY A 423 14.39 23.61 -12.76
N LEU A 424 15.31 23.09 -11.95
CA LEU A 424 15.68 21.69 -11.98
C LEU A 424 16.05 21.28 -10.56
N ARG A 425 15.49 20.15 -10.10
CA ARG A 425 15.76 19.61 -8.79
C ARG A 425 16.77 18.44 -8.96
N LEU A 426 17.85 18.47 -8.18
CA LEU A 426 18.89 17.44 -8.23
C LEU A 426 19.18 16.95 -6.82
N GLY A 427 19.29 15.64 -6.64
CA GLY A 427 19.42 15.02 -5.33
C GLY A 427 20.62 14.12 -5.24
N ALA A 428 21.26 14.14 -4.08
CA ALA A 428 22.42 13.27 -3.76
C ALA A 428 22.17 11.84 -3.22
N PRO A 429 21.00 11.54 -2.60
CA PRO A 429 20.89 10.26 -1.85
C PRO A 429 21.15 8.96 -2.63
N ALA A 430 20.62 8.86 -3.84
CA ALA A 430 20.70 7.62 -4.60
C ALA A 430 22.13 7.31 -5.01
N LEU A 431 22.83 8.31 -5.53
CA LEU A 431 24.19 8.07 -6.03
C LEU A 431 25.16 7.89 -4.88
N THR A 432 24.90 8.57 -3.76
CA THR A 432 25.70 8.38 -2.57
C THR A 432 25.57 6.94 -2.05
N SER A 433 24.40 6.33 -2.21
CA SER A 433 24.21 4.91 -1.88
C SER A 433 25.06 3.97 -2.76
N ARG A 434 25.40 4.44 -3.96
CA ARG A 434 26.32 3.77 -4.87
C ARG A 434 27.78 4.19 -4.66
N GLN A 435 28.11 4.67 -3.46
CA GLN A 435 29.47 5.07 -3.08
C GLN A 435 30.07 6.24 -3.86
N PHE A 436 29.23 7.08 -4.48
CA PHE A 436 29.71 8.35 -5.06
C PHE A 436 30.21 9.25 -3.94
N ARG A 437 31.28 9.96 -4.22
CA ARG A 437 31.88 10.94 -3.31
C ARG A 437 31.88 12.31 -4.02
N GLU A 438 32.47 13.31 -3.39
CA GLU A 438 32.46 14.69 -3.91
C GLU A 438 32.98 14.84 -5.34
N ASP A 439 34.12 14.19 -5.66
CA ASP A 439 34.72 14.25 -7.02
C ASP A 439 33.80 13.64 -8.08
N ASP A 440 33.08 12.59 -7.70
CA ASP A 440 32.12 11.93 -8.58
C ASP A 440 30.94 12.84 -8.87
N PHE A 441 30.49 13.58 -7.87
CA PHE A 441 29.40 14.56 -8.09
C PHE A 441 29.84 15.76 -8.92
N ARG A 442 31.09 16.19 -8.77
CA ARG A 442 31.68 17.20 -9.70
C ARG A 442 31.61 16.70 -11.14
N ARG A 443 31.88 15.42 -11.34
CA ARG A 443 31.80 14.78 -12.66
C ARG A 443 30.33 14.70 -13.17
N VAL A 444 29.40 14.40 -12.28
CA VAL A 444 27.97 14.44 -12.62
C VAL A 444 27.59 15.83 -13.14
N VAL A 445 28.09 16.88 -12.48
CA VAL A 445 27.82 18.25 -12.88
C VAL A 445 28.42 18.56 -14.27
N ASP A 446 29.62 18.05 -14.57
CA ASP A 446 30.21 18.15 -15.93
C ASP A 446 29.22 17.62 -16.97
N PHE A 447 28.75 16.41 -16.76
CA PHE A 447 27.75 15.80 -17.67
C PHE A 447 26.47 16.63 -17.78
N ILE A 448 25.97 17.16 -16.65
CA ILE A 448 24.75 17.98 -16.68
C ILE A 448 24.98 19.23 -17.53
N ASP A 449 26.15 19.85 -17.38
CA ASP A 449 26.48 21.06 -18.13
C ASP A 449 26.45 20.81 -19.63
N GLU A 450 27.05 19.71 -20.08
CA GLU A 450 26.98 19.30 -21.49
C GLU A 450 25.55 19.12 -21.92
N GLY A 451 24.75 18.49 -21.07
CA GLY A 451 23.32 18.35 -21.30
C GLY A 451 22.63 19.69 -21.53
N VAL A 452 22.88 20.63 -20.63
CA VAL A 452 22.31 21.97 -20.71
C VAL A 452 22.76 22.65 -22.02
N ASN A 453 24.06 22.62 -22.31
CA ASN A 453 24.62 23.21 -23.54
C ASN A 453 24.00 22.63 -24.83
N ILE A 454 23.80 21.32 -24.89
CA ILE A 454 23.05 20.71 -26.00
C ILE A 454 21.64 21.29 -26.02
N GLY A 455 21.01 21.30 -24.84
CA GLY A 455 19.67 21.87 -24.67
C GLY A 455 19.57 23.27 -25.21
N LEU A 456 20.54 24.13 -24.90
CA LEU A 456 20.57 25.50 -25.42
C LEU A 456 20.65 25.57 -26.95
N GLU A 457 21.52 24.76 -27.55
CA GLU A 457 21.65 24.74 -29.01
C GLU A 457 20.38 24.27 -29.70
N VAL A 458 19.69 23.28 -29.14
CA VAL A 458 18.42 22.80 -29.71
C VAL A 458 17.31 23.86 -29.57
N LYS A 459 17.38 24.65 -28.50
CA LYS A 459 16.43 25.75 -28.28
C LYS A 459 16.55 26.85 -29.33
N SER A 460 17.77 27.24 -29.71
CA SER A 460 17.98 28.25 -30.77
C SER A 460 17.64 27.77 -32.21
N LYS A 461 17.41 26.47 -32.39
CA LYS A 461 16.94 25.90 -33.68
C LYS A 461 15.46 25.50 -33.69
N THR A 462 14.76 25.59 -32.55
CA THR A 462 13.36 25.15 -32.45
C THR A 462 12.44 26.22 -31.83
N ALA A 463 11.14 26.07 -32.08
CA ALA A 463 10.14 27.05 -31.66
C ALA A 463 9.42 26.63 -30.37
N LYS A 464 8.56 25.61 -30.47
CA LYS A 464 7.71 25.18 -29.36
C LYS A 464 8.43 24.14 -28.51
N LEU A 465 7.78 23.67 -27.45
CA LEU A 465 8.32 22.57 -26.64
C LEU A 465 8.25 21.24 -27.38
N GLN A 466 7.16 20.96 -28.11
CA GLN A 466 7.07 19.70 -28.85
C GLN A 466 8.02 19.64 -30.06
N ASP A 467 8.38 20.80 -30.61
CA ASP A 467 9.45 20.88 -31.63
C ASP A 467 10.76 20.36 -31.04
N PHE A 468 11.15 20.96 -29.91
CA PHE A 468 12.34 20.59 -29.14
C PHE A 468 12.40 19.09 -28.89
N LYS A 469 11.30 18.49 -28.44
CA LYS A 469 11.27 17.08 -28.03
C LYS A 469 11.47 16.08 -29.17
N SER A 470 10.83 16.31 -30.32
CA SER A 470 11.02 15.42 -31.49
C SER A 470 12.25 15.79 -32.34
N PHE A 471 12.79 17.01 -32.19
CA PHE A 471 14.08 17.38 -32.80
C PHE A 471 15.25 16.60 -32.18
N LEU A 472 15.19 16.35 -30.87
CA LEU A 472 16.19 15.51 -30.18
C LEU A 472 16.19 14.04 -30.67
N LEU A 473 15.03 13.57 -31.14
CA LEU A 473 14.90 12.22 -31.71
C LEU A 473 15.25 12.17 -33.21
N LYS A 474 14.68 13.09 -33.99
CA LYS A 474 14.85 13.09 -35.47
C LYS A 474 16.23 13.59 -35.93
N ASP A 475 16.52 14.87 -35.71
CA ASP A 475 17.77 15.50 -36.21
C ASP A 475 19.02 14.69 -35.85
N SER A 476 19.65 14.10 -36.87
CA SER A 476 20.75 13.17 -36.66
C SER A 476 21.98 13.77 -35.97
N GLU A 477 22.27 15.05 -36.20
CA GLU A 477 23.46 15.67 -35.60
C GLU A 477 23.36 15.82 -34.07
N THR A 478 22.18 16.22 -33.58
CA THR A 478 21.93 16.31 -32.14
C THR A 478 21.71 14.93 -31.50
N SER A 479 21.05 14.02 -32.21
CA SER A 479 20.83 12.65 -31.70
C SER A 479 22.14 11.87 -31.52
N GLN A 480 23.14 12.18 -32.34
CA GLN A 480 24.48 11.61 -32.21
C GLN A 480 25.24 12.23 -31.04
N ARG A 481 25.19 13.56 -30.89
CA ARG A 481 25.82 14.23 -29.73
C ARG A 481 25.29 13.74 -28.38
N LEU A 482 24.00 13.36 -28.37
CA LEU A 482 23.36 12.75 -27.20
C LEU A 482 23.78 11.30 -27.03
N ALA A 483 23.87 10.57 -28.13
CA ALA A 483 24.35 9.18 -28.11
C ALA A 483 25.76 9.08 -27.54
N ASN A 484 26.61 10.04 -27.91
CA ASN A 484 27.97 10.13 -27.39
C ASN A 484 27.97 10.36 -25.88
N LEU A 485 27.12 11.29 -25.41
CA LEU A 485 27.05 11.65 -23.99
C LEU A 485 26.44 10.51 -23.17
N ARG A 486 25.36 9.92 -23.68
CA ARG A 486 24.73 8.76 -23.05
C ARG A 486 25.74 7.65 -22.77
N GLN A 487 26.50 7.27 -23.80
CA GLN A 487 27.50 6.21 -23.66
C GLN A 487 28.54 6.55 -22.59
N ARG A 488 29.00 7.80 -22.56
CA ARG A 488 29.95 8.23 -21.53
C ARG A 488 29.35 8.22 -20.12
N VAL A 489 28.10 8.67 -20.00
CA VAL A 489 27.39 8.65 -18.72
C VAL A 489 27.28 7.22 -18.20
N GLU A 490 26.84 6.30 -19.06
CA GLU A 490 26.61 4.90 -18.69
C GLU A 490 27.89 4.14 -18.36
N GLN A 491 28.98 4.44 -19.08
CA GLN A 491 30.32 3.91 -18.74
C GLN A 491 30.71 4.32 -17.34
N PHE A 492 30.51 5.60 -17.06
CA PHE A 492 30.80 6.14 -15.74
C PHE A 492 29.92 5.50 -14.65
N ALA A 493 28.61 5.49 -14.86
CA ALA A 493 27.67 4.97 -13.87
C ALA A 493 27.80 3.45 -13.59
N ARG A 494 28.00 2.66 -14.65
CA ARG A 494 28.08 1.19 -14.48
C ARG A 494 29.18 0.70 -13.58
N ALA A 495 30.26 1.47 -13.45
CA ALA A 495 31.41 1.06 -12.65
C ALA A 495 31.14 1.14 -11.14
N PHE A 496 30.07 1.84 -10.74
CA PHE A 496 29.79 1.99 -9.33
C PHE A 496 28.96 0.84 -8.82
N PRO A 497 29.17 0.44 -7.55
CA PRO A 497 28.33 -0.59 -6.96
C PRO A 497 26.88 -0.15 -6.82
N MET A 498 25.99 -1.14 -6.74
CA MET A 498 24.55 -0.93 -6.71
C MET A 498 23.97 -1.84 -5.63
N PRO A 499 23.26 -1.28 -4.63
CA PRO A 499 22.54 -2.10 -3.67
C PRO A 499 21.48 -2.97 -4.32
N GLY A 500 21.20 -4.12 -3.70
CA GLY A 500 20.18 -5.04 -4.18
C GLY A 500 20.71 -6.40 -4.61
N PHE A 501 19.91 -7.07 -5.42
CA PHE A 501 20.31 -8.31 -6.09
C PHE A 501 21.05 -7.92 -7.36
N ASP A 502 21.87 -8.82 -7.90
CA ASP A 502 22.67 -8.49 -9.10
C ASP A 502 21.83 -8.33 -10.36
N GLU A 503 20.84 -9.20 -10.50
CA GLU A 503 20.15 -9.38 -11.79
C GLU A 503 18.68 -8.92 -11.80
N HIS A 504 18.14 -8.54 -10.63
CA HIS A 504 16.74 -8.09 -10.55
C HIS A 504 16.45 -7.17 -9.36
N TRP B 43 30.05 -0.70 3.02
CA TRP B 43 28.62 -1.11 2.85
C TRP B 43 28.20 -1.03 1.40
N THR B 44 27.73 -2.17 0.88
CA THR B 44 27.24 -2.28 -0.49
C THR B 44 25.71 -2.34 -0.58
N GLY B 45 25.05 -2.82 0.47
CA GLY B 45 23.64 -3.17 0.38
C GLY B 45 23.36 -4.40 -0.47
N GLN B 46 24.37 -5.27 -0.65
CA GLN B 46 24.23 -6.55 -1.35
C GLN B 46 24.45 -7.75 -0.41
N GLU B 47 24.57 -7.50 0.88
CA GLU B 47 24.75 -8.54 1.88
C GLU B 47 23.39 -9.24 2.08
N SER B 48 23.43 -10.50 2.48
CA SER B 48 22.20 -11.29 2.67
C SER B 48 21.49 -10.88 3.95
N LEU B 49 20.20 -11.18 4.01
CA LEU B 49 19.39 -10.92 5.20
C LEU B 49 19.89 -11.78 6.37
N SER B 50 20.19 -13.06 6.11
CA SER B 50 20.72 -13.95 7.16
C SER B 50 22.04 -13.46 7.77
N ASP B 51 22.91 -12.88 6.94
CA ASP B 51 24.19 -12.35 7.45
C ASP B 51 24.03 -11.05 8.20
N SER B 52 23.29 -10.10 7.62
CA SER B 52 23.23 -8.72 8.14
C SER B 52 22.20 -8.47 9.24
N ASP B 53 21.04 -9.12 9.16
CA ASP B 53 19.99 -8.99 10.19
C ASP B 53 19.55 -10.39 10.65
N PRO B 54 20.40 -11.06 11.44
CA PRO B 54 20.06 -12.41 11.91
C PRO B 54 18.76 -12.47 12.72
N GLU B 55 18.47 -11.43 13.51
CA GLU B 55 17.22 -11.38 14.27
C GLU B 55 15.98 -11.45 13.37
N MET B 56 15.97 -10.69 12.28
CA MET B 56 14.82 -10.67 11.37
C MET B 56 14.70 -11.98 10.60
N TRP B 57 15.84 -12.51 10.17
CA TRP B 57 15.89 -13.76 9.41
C TRP B 57 15.28 -14.91 10.23
N GLU B 58 15.67 -15.01 11.50
CA GLU B 58 15.02 -15.89 12.48
C GLU B 58 13.50 -15.81 12.39
N LEU B 59 12.98 -14.60 12.45
CA LEU B 59 11.54 -14.38 12.47
C LEU B 59 10.89 -14.78 11.16
N LEU B 60 11.53 -14.54 10.02
CA LEU B 60 11.00 -15.00 8.73
C LEU B 60 10.91 -16.52 8.70
N GLN B 61 11.92 -17.18 9.27
CA GLN B 61 11.95 -18.64 9.34
C GLN B 61 10.89 -19.21 10.30
N ARG B 62 10.67 -18.55 11.44
CA ARG B 62 9.63 -18.98 12.37
C ARG B 62 8.24 -18.85 11.76
N GLU B 63 8.02 -17.79 10.98
CA GLU B 63 6.75 -17.60 10.28
C GLU B 63 6.61 -18.57 9.13
N LYS B 64 7.69 -18.82 8.40
CA LYS B 64 7.63 -19.81 7.32
C LYS B 64 7.30 -21.19 7.90
N ASP B 65 7.90 -21.51 9.04
CA ASP B 65 7.61 -22.75 9.74
C ASP B 65 6.16 -22.81 10.21
N ARG B 66 5.69 -21.73 10.85
CA ARG B 66 4.30 -21.66 11.32
C ARG B 66 3.28 -21.90 10.20
N GLN B 67 3.53 -21.34 9.01
CA GLN B 67 2.66 -21.52 7.86
C GLN B 67 2.69 -22.96 7.33
N CYS B 68 3.86 -23.58 7.38
CA CYS B 68 4.04 -24.96 6.92
C CYS B 68 3.32 -25.98 7.81
N ARG B 69 3.52 -25.88 9.12
CA ARG B 69 2.96 -26.83 10.09
C ARG B 69 1.49 -26.66 10.46
N GLY B 70 0.85 -25.57 10.02
CA GLY B 70 -0.53 -25.27 10.39
C GLY B 70 -1.53 -25.63 9.31
N LEU B 71 -2.78 -25.78 9.72
CA LEU B 71 -3.89 -25.89 8.76
C LEU B 71 -4.55 -24.51 8.66
N GLU B 72 -4.33 -23.86 7.51
CA GLU B 72 -4.75 -22.50 7.28
C GLU B 72 -6.16 -22.54 6.73
N LEU B 73 -7.15 -22.27 7.58
CA LEU B 73 -8.57 -22.27 7.17
C LEU B 73 -9.24 -20.89 7.08
N ILE B 74 -8.45 -19.82 7.16
CA ILE B 74 -8.98 -18.47 6.99
C ILE B 74 -9.19 -18.27 5.50
N ALA B 75 -10.42 -17.95 5.11
CA ALA B 75 -10.81 -17.91 3.71
C ALA B 75 -10.22 -16.74 2.92
N SER B 76 -9.64 -15.78 3.64
CA SER B 76 -8.88 -14.68 3.06
C SER B 76 -7.39 -14.99 2.77
N GLU B 77 -6.85 -16.04 3.38
CA GLU B 77 -5.45 -16.39 3.23
C GLU B 77 -5.19 -17.20 1.97
N ASN B 78 -3.97 -17.10 1.51
CA ASN B 78 -3.47 -17.98 0.47
C ASN B 78 -1.95 -17.98 0.53
N PHE B 79 -1.33 -18.74 -0.36
CA PHE B 79 0.12 -18.87 -0.36
C PHE B 79 0.60 -18.45 -1.74
N CYS B 80 1.38 -17.37 -1.75
CA CYS B 80 1.81 -16.71 -2.97
C CYS B 80 2.96 -17.49 -3.61
N SER B 81 3.01 -17.49 -4.94
CA SER B 81 4.04 -18.20 -5.68
C SER B 81 5.40 -17.53 -5.53
N ARG B 82 6.45 -18.33 -5.58
CA ARG B 82 7.84 -17.85 -5.54
C ARG B 82 8.08 -16.88 -6.68
N ALA B 83 7.57 -17.20 -7.86
CA ALA B 83 7.69 -16.32 -9.01
C ALA B 83 7.21 -14.88 -8.72
N ALA B 84 6.05 -14.77 -8.08
CA ALA B 84 5.50 -13.47 -7.70
C ALA B 84 6.30 -12.79 -6.58
N LEU B 85 6.73 -13.55 -5.59
CA LEU B 85 7.58 -12.99 -4.53
C LEU B 85 8.95 -12.48 -5.03
N GLU B 86 9.50 -13.11 -6.07
CA GLU B 86 10.75 -12.67 -6.66
C GLU B 86 10.58 -11.28 -7.31
N ALA B 87 9.45 -11.06 -7.96
CA ALA B 87 9.09 -9.74 -8.49
C ALA B 87 8.88 -8.69 -7.39
N LEU B 88 8.21 -9.12 -6.33
CA LEU B 88 7.85 -8.26 -5.21
C LEU B 88 9.09 -7.77 -4.43
N GLY B 89 10.10 -8.64 -4.30
CA GLY B 89 11.36 -8.27 -3.66
C GLY B 89 12.40 -7.96 -4.70
N SER B 90 12.14 -6.98 -5.57
CA SER B 90 13.02 -6.63 -6.66
C SER B 90 13.36 -5.14 -6.67
N CYS B 91 14.24 -4.77 -7.58
CA CYS B 91 14.64 -3.39 -7.81
C CYS B 91 13.48 -2.48 -8.29
N LEU B 92 12.33 -3.04 -8.66
CA LEU B 92 11.14 -2.23 -8.95
C LEU B 92 10.64 -1.40 -7.74
N ASN B 93 10.97 -1.83 -6.52
CA ASN B 93 10.83 -0.99 -5.34
C ASN B 93 11.48 0.41 -5.47
N ASN B 94 12.54 0.51 -6.26
CA ASN B 94 13.35 1.72 -6.31
C ASN B 94 12.76 2.83 -7.17
N LYS B 95 11.84 2.55 -8.08
CA LYS B 95 11.41 3.55 -9.06
C LYS B 95 10.18 4.36 -8.62
N TYR B 96 10.31 5.69 -8.63
CA TYR B 96 9.20 6.62 -8.45
C TYR B 96 8.56 6.89 -9.80
N SER B 97 7.30 6.49 -9.98
CA SER B 97 6.64 6.59 -11.28
C SER B 97 5.20 7.14 -11.15
N GLU B 98 5.07 8.23 -10.40
CA GLU B 98 3.77 8.90 -10.26
C GLU B 98 3.16 9.22 -11.62
N GLY B 99 1.85 9.02 -11.70
CA GLY B 99 1.10 9.21 -12.94
C GLY B 99 0.78 7.88 -13.57
N TYR B 100 0.75 7.87 -14.90
CA TYR B 100 0.33 6.69 -15.65
C TYR B 100 1.23 6.48 -16.86
N PRO B 101 1.24 5.24 -17.41
CA PRO B 101 2.09 4.96 -18.56
C PRO B 101 1.98 6.00 -19.68
N GLY B 102 3.12 6.58 -20.07
CA GLY B 102 3.17 7.67 -21.07
C GLY B 102 2.79 9.07 -20.60
N LYS B 103 2.30 9.19 -19.36
CA LYS B 103 1.89 10.45 -18.77
C LYS B 103 2.46 10.49 -17.34
N ARG B 104 3.76 10.27 -17.24
CA ARG B 104 4.48 10.29 -15.96
C ARG B 104 4.96 11.70 -15.71
N TYR B 105 5.21 12.03 -14.45
CA TYR B 105 5.75 13.34 -14.08
C TYR B 105 7.27 13.34 -14.10
N TYR B 106 7.89 12.20 -13.77
CA TYR B 106 9.35 12.03 -13.87
C TYR B 106 9.73 11.15 -15.08
N GLY B 107 10.97 11.29 -15.56
CA GLY B 107 11.50 10.46 -16.63
C GLY B 107 12.12 9.15 -16.15
N GLY B 108 12.66 8.38 -17.10
CA GLY B 108 13.24 7.08 -16.81
C GLY B 108 12.26 5.96 -16.51
N ALA B 109 10.99 6.13 -16.90
CA ALA B 109 9.93 5.15 -16.61
C ALA B 109 9.57 4.19 -17.77
N GLU B 110 10.40 4.13 -18.82
CA GLU B 110 10.11 3.30 -20.02
C GLU B 110 9.79 1.82 -19.72
N VAL B 111 10.52 1.23 -18.78
CA VAL B 111 10.35 -0.18 -18.45
C VAL B 111 9.16 -0.36 -17.50
N VAL B 112 9.13 0.47 -16.47
CA VAL B 112 8.01 0.50 -15.54
C VAL B 112 6.69 0.75 -16.28
N ASP B 113 6.69 1.60 -17.31
CA ASP B 113 5.50 1.78 -18.16
C ASP B 113 5.04 0.45 -18.77
N GLU B 114 5.96 -0.27 -19.39
CA GLU B 114 5.62 -1.58 -19.98
C GLU B 114 5.12 -2.59 -18.95
N ILE B 115 5.71 -2.58 -17.76
CA ILE B 115 5.24 -3.46 -16.68
C ILE B 115 3.81 -3.12 -16.25
N GLU B 116 3.48 -1.83 -16.17
CA GLU B 116 2.13 -1.43 -15.77
C GLU B 116 1.16 -1.82 -16.87
N LEU B 117 1.46 -1.42 -18.11
CA LEU B 117 0.66 -1.82 -19.26
C LEU B 117 0.46 -3.33 -19.36
N LEU B 118 1.52 -4.10 -19.12
CA LEU B 118 1.43 -5.56 -19.12
C LEU B 118 0.49 -6.04 -18.05
N CYS B 119 0.65 -5.49 -16.84
CA CYS B 119 -0.24 -5.84 -15.74
C CYS B 119 -1.71 -5.53 -16.06
N GLN B 120 -1.95 -4.41 -16.77
CA GLN B 120 -3.30 -4.09 -17.22
C GLN B 120 -3.82 -5.18 -18.14
N ARG B 121 -3.12 -5.44 -19.25
CA ARG B 121 -3.56 -6.41 -20.27
C ARG B 121 -3.77 -7.79 -19.67
N ARG B 122 -2.87 -8.21 -18.79
CA ARG B 122 -3.02 -9.47 -18.09
C ARG B 122 -4.25 -9.52 -17.18
N ALA B 123 -4.57 -8.39 -16.55
CA ALA B 123 -5.77 -8.30 -15.71
C ALA B 123 -7.04 -8.43 -16.56
N LEU B 124 -7.09 -7.73 -17.69
CA LEU B 124 -8.25 -7.81 -18.57
C LEU B 124 -8.42 -9.23 -19.11
N GLU B 125 -7.31 -9.83 -19.54
CA GLU B 125 -7.33 -11.21 -20.04
C GLU B 125 -7.73 -12.21 -18.95
N ALA B 126 -7.30 -12.01 -17.71
CA ALA B 126 -7.67 -12.94 -16.62
C ALA B 126 -9.17 -13.02 -16.33
N PHE B 127 -9.92 -11.98 -16.68
CA PHE B 127 -11.37 -11.92 -16.45
C PHE B 127 -12.15 -11.89 -17.77
N ASP B 128 -11.47 -12.19 -18.87
CA ASP B 128 -12.05 -12.24 -20.22
C ASP B 128 -12.89 -11.01 -20.55
N LEU B 129 -12.21 -9.86 -20.62
CA LEU B 129 -12.85 -8.58 -20.87
C LEU B 129 -12.31 -7.95 -22.14
N ASP B 130 -13.21 -7.40 -22.96
CA ASP B 130 -12.82 -6.71 -24.19
C ASP B 130 -12.14 -5.36 -23.85
N PRO B 131 -10.90 -5.12 -24.33
CA PRO B 131 -10.21 -3.83 -24.14
C PRO B 131 -10.98 -2.57 -24.56
N ALA B 132 -11.91 -2.70 -25.52
CA ALA B 132 -12.78 -1.60 -25.94
C ALA B 132 -13.85 -1.23 -24.91
N GLN B 133 -14.31 -2.23 -24.15
CA GLN B 133 -15.41 -2.06 -23.17
C GLN B 133 -14.99 -1.94 -21.70
N TRP B 134 -13.77 -2.39 -21.36
CA TRP B 134 -13.24 -2.30 -19.99
C TRP B 134 -11.84 -1.72 -19.95
N GLY B 135 -11.57 -1.02 -18.84
CA GLY B 135 -10.22 -0.58 -18.48
C GLY B 135 -9.96 -1.06 -17.07
N VAL B 136 -8.70 -0.95 -16.65
CA VAL B 136 -8.30 -1.37 -15.30
C VAL B 136 -7.18 -0.49 -14.77
N ASN B 137 -7.25 -0.18 -13.48
CA ASN B 137 -6.23 0.59 -12.78
C ASN B 137 -5.52 -0.37 -11.86
N VAL B 138 -4.21 -0.51 -12.02
CA VAL B 138 -3.43 -1.52 -11.27
C VAL B 138 -2.60 -0.94 -10.11
N GLN B 139 -2.80 0.34 -9.79
CA GLN B 139 -2.04 1.02 -8.74
C GLN B 139 -2.55 0.95 -7.30
N PRO B 140 -3.82 0.58 -7.06
CA PRO B 140 -4.25 0.59 -5.66
C PRO B 140 -3.39 -0.26 -4.76
N TYR B 141 -3.05 0.27 -3.59
CA TYR B 141 -2.12 -0.39 -2.69
C TYR B 141 -2.71 -1.62 -2.01
N SER B 142 -4.03 -1.68 -1.92
CA SER B 142 -4.69 -2.86 -1.35
C SER B 142 -6.18 -2.84 -1.76
N GLY B 143 -6.98 -3.71 -1.14
CA GLY B 143 -8.42 -3.73 -1.40
C GLY B 143 -9.16 -2.49 -0.90
N SER B 144 -8.90 -2.14 0.36
CA SER B 144 -9.53 -0.96 0.96
C SER B 144 -9.25 0.34 0.15
N PRO B 145 -7.97 0.63 -0.18
CA PRO B 145 -7.72 1.79 -1.04
C PRO B 145 -8.45 1.80 -2.38
N ALA B 146 -8.61 0.62 -2.97
CA ALA B 146 -9.33 0.51 -4.24
C ALA B 146 -10.80 0.96 -4.08
N ASN B 147 -11.45 0.54 -3.00
CA ASN B 147 -12.83 0.96 -2.74
C ASN B 147 -12.92 2.48 -2.48
N LEU B 148 -12.15 2.98 -1.50
CA LEU B 148 -12.09 4.43 -1.23
C LEU B 148 -11.87 5.23 -2.51
N ALA B 149 -10.96 4.80 -3.36
CA ALA B 149 -10.74 5.49 -4.63
C ALA B 149 -11.94 5.50 -5.58
N VAL B 150 -12.76 4.45 -5.58
CA VAL B 150 -13.97 4.44 -6.38
C VAL B 150 -14.96 5.45 -5.82
N TYR B 151 -15.12 5.43 -4.50
CA TYR B 151 -16.07 6.34 -3.86
C TYR B 151 -15.66 7.77 -4.13
N THR B 152 -14.36 8.08 -4.00
CA THR B 152 -13.95 9.48 -4.17
C THR B 152 -13.99 9.85 -5.66
N ALA B 153 -13.77 8.88 -6.54
CA ALA B 153 -13.91 9.12 -7.99
C ALA B 153 -15.33 9.47 -8.45
N LEU B 154 -16.34 8.78 -7.92
CA LEU B 154 -17.72 8.88 -8.45
C LEU B 154 -18.69 9.68 -7.61
N LEU B 155 -18.40 9.84 -6.32
CA LEU B 155 -19.26 10.53 -5.39
C LEU B 155 -18.64 11.85 -4.88
N GLN B 156 -19.53 12.74 -4.47
CA GLN B 156 -19.18 13.88 -3.64
C GLN B 156 -19.11 13.42 -2.19
N PRO B 157 -18.39 14.17 -1.34
CA PRO B 157 -18.43 13.85 0.07
C PRO B 157 -19.88 13.87 0.61
N HIS B 158 -20.15 12.98 1.55
CA HIS B 158 -21.49 12.79 2.12
C HIS B 158 -22.57 12.21 1.19
N ASP B 159 -22.22 11.85 -0.06
CA ASP B 159 -23.13 11.14 -0.94
C ASP B 159 -23.38 9.75 -0.39
N ARG B 160 -24.49 9.16 -0.82
CA ARG B 160 -25.00 7.96 -0.16
C ARG B 160 -24.54 6.64 -0.78
N ILE B 161 -24.25 5.68 0.09
CA ILE B 161 -23.72 4.38 -0.26
C ILE B 161 -24.49 3.30 0.48
N MET B 162 -24.76 2.16 -0.17
CA MET B 162 -25.29 0.97 0.54
C MET B 162 -24.45 -0.29 0.31
N GLY B 163 -24.20 -1.00 1.40
CA GLY B 163 -23.44 -2.23 1.37
C GLY B 163 -23.92 -3.17 2.45
N LEU B 164 -23.64 -4.45 2.23
CA LEU B 164 -24.12 -5.49 3.11
C LEU B 164 -23.55 -5.21 4.49
N ASP B 165 -24.39 -5.26 5.50
CA ASP B 165 -23.98 -4.94 6.84
C ASP B 165 -22.82 -5.84 7.29
N LEU B 166 -21.96 -5.33 8.16
CA LEU B 166 -20.72 -6.01 8.49
C LEU B 166 -20.96 -7.38 9.13
N PRO B 167 -21.81 -7.46 10.18
CA PRO B 167 -22.13 -8.79 10.73
C PRO B 167 -22.98 -9.68 9.80
N ASP B 168 -23.67 -9.09 8.84
CA ASP B 168 -24.35 -9.86 7.79
C ASP B 168 -23.42 -10.33 6.65
N GLY B 169 -22.09 -10.19 6.80
CA GLY B 169 -21.10 -10.69 5.83
C GLY B 169 -20.49 -9.70 4.84
N GLY B 170 -20.63 -8.40 5.11
CA GLY B 170 -20.01 -7.37 4.28
C GLY B 170 -18.67 -6.94 4.83
N HIS B 171 -18.01 -6.03 4.11
CA HIS B 171 -16.70 -5.51 4.51
C HIS B 171 -16.80 -4.13 5.18
N LEU B 172 -15.86 -3.83 6.09
CA LEU B 172 -15.69 -2.48 6.67
C LEU B 172 -15.81 -1.37 5.61
N THR B 173 -15.15 -1.57 4.48
CA THR B 173 -15.04 -0.54 3.45
C THR B 173 -16.30 -0.33 2.65
N HIS B 174 -17.33 -1.13 2.93
CA HIS B 174 -18.67 -0.92 2.35
C HIS B 174 -19.55 0.11 3.09
N GLY B 175 -19.07 0.60 4.23
CA GLY B 175 -19.82 1.49 5.05
C GLY B 175 -20.04 0.69 6.30
N TYR B 176 -19.55 1.20 7.42
CA TYR B 176 -19.86 0.59 8.70
C TYR B 176 -19.73 1.58 9.85
N MET B 177 -20.88 1.89 10.43
CA MET B 177 -20.95 2.60 11.69
C MET B 177 -21.61 1.65 12.67
N SER B 178 -21.24 1.81 13.94
CA SER B 178 -21.95 1.17 15.01
C SER B 178 -23.08 2.13 15.39
N ASP B 179 -23.69 1.89 16.55
CA ASP B 179 -24.66 2.82 17.11
C ASP B 179 -23.94 3.90 17.95
N VAL B 180 -22.69 3.64 18.35
CA VAL B 180 -21.90 4.63 19.11
C VAL B 180 -21.18 5.60 18.17
N LYS B 181 -20.43 5.08 17.18
CA LYS B 181 -19.61 5.94 16.30
C LYS B 181 -19.39 5.42 14.89
N ARG B 182 -18.82 6.30 14.06
CA ARG B 182 -18.48 5.99 12.67
C ARG B 182 -17.15 5.25 12.68
N ILE B 183 -17.09 4.13 11.97
CA ILE B 183 -15.97 3.21 12.12
C ILE B 183 -15.11 3.19 10.87
N SER B 184 -15.71 2.86 9.73
CA SER B 184 -15.00 2.95 8.46
C SER B 184 -14.94 4.39 7.99
N ALA B 185 -13.84 4.73 7.33
CA ALA B 185 -13.69 6.02 6.68
C ALA B 185 -14.76 6.19 5.61
N THR B 186 -15.21 5.07 5.05
CA THR B 186 -16.34 5.03 4.15
C THR B 186 -17.57 5.73 4.72
N SER B 187 -17.77 5.58 6.04
CA SER B 187 -18.91 6.18 6.75
C SER B 187 -18.69 7.61 7.24
N ILE B 188 -17.44 8.04 7.35
CA ILE B 188 -17.08 9.39 7.75
C ILE B 188 -17.21 10.33 6.56
N PHE B 189 -16.63 9.95 5.43
CA PHE B 189 -16.58 10.80 4.24
C PHE B 189 -17.78 10.63 3.33
N PHE B 190 -18.52 9.55 3.51
CA PHE B 190 -19.77 9.32 2.79
C PHE B 190 -20.85 8.84 3.76
N GLU B 191 -22.08 8.77 3.27
CA GLU B 191 -23.23 8.42 4.12
C GLU B 191 -23.69 7.01 3.74
N SER B 192 -23.46 6.06 4.64
CA SER B 192 -23.72 4.66 4.34
C SER B 192 -24.97 4.18 5.06
N MET B 193 -25.79 3.39 4.35
CA MET B 193 -26.85 2.64 5.02
C MET B 193 -26.72 1.16 4.64
N PRO B 194 -26.60 0.28 5.65
CA PRO B 194 -26.39 -1.14 5.40
C PRO B 194 -27.66 -1.87 4.99
N TYR B 195 -27.60 -2.69 3.93
CA TYR B 195 -28.65 -3.69 3.69
C TYR B 195 -28.28 -4.98 4.40
N LYS B 196 -29.26 -5.88 4.51
CA LYS B 196 -29.13 -7.05 5.38
C LYS B 196 -29.47 -8.38 4.72
N LEU B 197 -29.17 -9.44 5.47
CA LEU B 197 -29.66 -10.77 5.16
C LEU B 197 -31.11 -10.92 5.61
N ASN B 198 -31.87 -11.67 4.82
CA ASN B 198 -33.07 -12.37 5.30
C ASN B 198 -32.60 -13.40 6.35
N PRO B 199 -32.95 -13.23 7.64
CA PRO B 199 -32.43 -14.20 8.64
C PRO B 199 -33.10 -15.62 8.61
N LYS B 200 -34.12 -15.83 7.77
CA LYS B 200 -34.68 -17.18 7.55
C LYS B 200 -33.76 -17.97 6.61
N THR B 201 -33.54 -17.43 5.41
CA THR B 201 -32.78 -18.11 4.37
C THR B 201 -31.25 -17.98 4.48
N GLY B 202 -30.77 -17.02 5.30
CA GLY B 202 -29.34 -16.63 5.32
C GLY B 202 -28.81 -16.02 4.03
N LEU B 203 -29.71 -15.71 3.09
CA LEU B 203 -29.36 -15.11 1.82
C LEU B 203 -29.51 -13.58 1.95
N ILE B 204 -29.13 -12.87 0.90
CA ILE B 204 -29.29 -11.43 0.85
C ILE B 204 -30.75 -11.13 0.54
N ASP B 205 -31.42 -10.41 1.43
CA ASP B 205 -32.80 -9.99 1.20
C ASP B 205 -32.83 -8.95 0.09
N TYR B 206 -32.95 -9.43 -1.14
CA TYR B 206 -33.06 -8.55 -2.31
C TYR B 206 -34.38 -7.76 -2.34
N ASN B 207 -35.39 -8.22 -1.61
CA ASN B 207 -36.67 -7.50 -1.52
C ASN B 207 -36.50 -6.23 -0.67
N GLN B 208 -36.08 -6.42 0.58
CA GLN B 208 -35.86 -5.30 1.52
C GLN B 208 -34.88 -4.27 0.93
N LEU B 209 -33.81 -4.75 0.27
CA LEU B 209 -32.83 -3.87 -0.36
C LEU B 209 -33.46 -2.98 -1.44
N ALA B 210 -34.34 -3.53 -2.28
CA ALA B 210 -35.05 -2.72 -3.30
C ALA B 210 -36.02 -1.71 -2.68
N LEU B 211 -36.67 -2.11 -1.59
CA LEU B 211 -37.62 -1.28 -0.83
C LEU B 211 -36.89 -0.13 -0.14
N THR B 212 -35.88 -0.49 0.64
CA THR B 212 -35.10 0.43 1.45
C THR B 212 -34.22 1.39 0.60
N ALA B 213 -33.86 0.97 -0.61
CA ALA B 213 -33.08 1.80 -1.54
C ALA B 213 -33.93 2.81 -2.30
N ARG B 214 -35.23 2.59 -2.39
CA ARG B 214 -36.14 3.62 -2.92
C ARG B 214 -36.24 4.81 -1.96
N LEU B 215 -36.08 4.54 -0.66
CA LEU B 215 -36.21 5.56 0.38
C LEU B 215 -34.90 6.32 0.64
N PHE B 216 -33.81 5.57 0.80
CA PHE B 216 -32.47 6.15 1.06
C PHE B 216 -31.86 6.88 -0.12
N ARG B 217 -32.17 6.45 -1.33
CA ARG B 217 -31.67 7.06 -2.57
C ARG B 217 -30.13 7.06 -2.69
N PRO B 218 -29.50 5.88 -2.54
CA PRO B 218 -28.03 5.81 -2.65
C PRO B 218 -27.54 6.13 -4.03
N ARG B 219 -26.35 6.71 -4.10
CA ARG B 219 -25.68 6.95 -5.37
C ARG B 219 -24.88 5.71 -5.78
N LEU B 220 -24.61 4.82 -4.84
CA LEU B 220 -23.73 3.70 -5.08
C LEU B 220 -24.18 2.55 -4.20
N ILE B 221 -24.41 1.39 -4.79
CA ILE B 221 -24.67 0.16 -4.02
C ILE B 221 -23.54 -0.83 -4.33
N ILE B 222 -23.11 -1.52 -3.28
CA ILE B 222 -21.98 -2.42 -3.34
C ILE B 222 -22.46 -3.86 -3.20
N ALA B 223 -22.18 -4.65 -4.23
CA ALA B 223 -22.41 -6.10 -4.22
C ALA B 223 -21.10 -6.82 -3.92
N GLY B 224 -20.90 -7.16 -2.65
CA GLY B 224 -19.69 -7.84 -2.24
C GLY B 224 -19.72 -8.29 -0.81
N THR B 225 -18.91 -9.31 -0.52
CA THR B 225 -18.96 -10.01 0.78
C THR B 225 -17.59 -10.48 1.25
N SER B 226 -17.48 -10.61 2.57
CA SER B 226 -16.38 -11.26 3.24
C SER B 226 -16.76 -12.58 3.93
N ALA B 227 -18.06 -12.79 4.17
CA ALA B 227 -18.55 -13.97 4.89
C ALA B 227 -19.96 -14.33 4.42
N TYR B 228 -20.02 -14.84 3.20
CA TYR B 228 -21.26 -15.23 2.55
C TYR B 228 -20.94 -16.45 1.69
N ALA B 229 -21.68 -17.53 1.89
CA ALA B 229 -21.37 -18.81 1.23
C ALA B 229 -22.03 -18.99 -0.13
N ARG B 230 -22.70 -17.97 -0.66
CA ARG B 230 -23.53 -18.15 -1.84
C ARG B 230 -23.21 -17.15 -2.90
N LEU B 231 -23.75 -17.39 -4.09
CA LEU B 231 -23.59 -16.47 -5.21
C LEU B 231 -24.53 -15.29 -5.04
N ILE B 232 -24.12 -14.15 -5.59
CA ILE B 232 -24.85 -12.91 -5.49
C ILE B 232 -25.58 -12.70 -6.80
N ASP B 233 -26.79 -12.21 -6.70
CA ASP B 233 -27.64 -12.01 -7.85
C ASP B 233 -27.33 -10.63 -8.46
N TYR B 234 -26.25 -10.57 -9.24
CA TYR B 234 -25.79 -9.32 -9.84
C TYR B 234 -26.78 -8.76 -10.87
N ALA B 235 -27.58 -9.64 -11.47
CA ALA B 235 -28.71 -9.23 -12.31
C ALA B 235 -29.71 -8.42 -11.49
N ARG B 236 -30.03 -8.93 -10.31
CA ARG B 236 -30.99 -8.32 -9.40
C ARG B 236 -30.44 -7.03 -8.80
N MET B 237 -29.19 -7.06 -8.35
CA MET B 237 -28.50 -5.87 -7.87
C MET B 237 -28.55 -4.75 -8.92
N ARG B 238 -28.32 -5.08 -10.18
CA ARG B 238 -28.34 -4.09 -11.26
C ARG B 238 -29.75 -3.56 -11.57
N GLU B 239 -30.78 -4.38 -11.35
CA GLU B 239 -32.18 -3.92 -11.46
C GLU B 239 -32.47 -2.83 -10.41
N VAL B 240 -32.14 -3.13 -9.16
CA VAL B 240 -32.28 -2.18 -8.05
C VAL B 240 -31.49 -0.90 -8.33
N CYS B 241 -30.27 -1.04 -8.84
CA CYS B 241 -29.44 0.11 -9.21
C CYS B 241 -29.97 0.89 -10.41
N ASP B 242 -30.59 0.20 -11.38
CA ASP B 242 -31.22 0.90 -12.53
C ASP B 242 -32.44 1.73 -12.13
N GLU B 243 -33.22 1.20 -11.18
CA GLU B 243 -34.49 1.83 -10.78
C GLU B 243 -34.21 3.14 -10.02
N VAL B 244 -33.40 3.03 -8.97
CA VAL B 244 -33.00 4.17 -8.12
C VAL B 244 -31.84 5.01 -8.69
N LYS B 245 -31.40 4.72 -9.91
CA LYS B 245 -30.34 5.46 -10.61
C LYS B 245 -28.98 5.53 -9.88
N ALA B 246 -28.62 4.44 -9.20
CA ALA B 246 -27.33 4.27 -8.51
C ALA B 246 -26.31 3.51 -9.36
N HIS B 247 -25.05 3.62 -8.98
CA HIS B 247 -23.93 2.88 -9.60
C HIS B 247 -23.82 1.55 -8.89
N LEU B 248 -23.63 0.47 -9.65
CA LEU B 248 -23.37 -0.84 -9.02
C LEU B 248 -21.87 -1.10 -8.95
N LEU B 249 -21.35 -1.31 -7.75
CA LEU B 249 -19.97 -1.69 -7.56
C LEU B 249 -19.96 -3.14 -7.13
N ALA B 250 -19.21 -3.97 -7.84
CA ALA B 250 -18.97 -5.35 -7.39
C ALA B 250 -17.59 -5.42 -6.75
N ASP B 251 -17.54 -5.71 -5.47
CA ASP B 251 -16.27 -5.85 -4.77
C ASP B 251 -16.05 -7.34 -4.64
N MET B 252 -15.40 -7.91 -5.65
CA MET B 252 -15.17 -9.37 -5.75
C MET B 252 -13.91 -9.91 -5.06
N ALA B 253 -13.24 -9.09 -4.24
CA ALA B 253 -12.01 -9.48 -3.55
C ALA B 253 -11.98 -10.95 -3.18
N HIS B 254 -13.01 -11.39 -2.47
CA HIS B 254 -13.06 -12.74 -1.91
C HIS B 254 -13.16 -13.87 -2.92
N ILE B 255 -13.73 -13.59 -4.09
CA ILE B 255 -14.06 -14.63 -5.05
C ILE B 255 -13.40 -14.41 -6.42
N SER B 256 -12.41 -13.51 -6.47
CA SER B 256 -11.82 -13.10 -7.76
C SER B 256 -11.16 -14.25 -8.53
N GLY B 257 -10.52 -15.17 -7.82
CA GLY B 257 -9.96 -16.37 -8.44
C GLY B 257 -11.04 -17.25 -9.07
N LEU B 258 -12.11 -17.47 -8.33
CA LEU B 258 -13.27 -18.21 -8.81
C LEU B 258 -13.88 -17.57 -10.07
N VAL B 259 -13.88 -16.24 -10.15
CA VAL B 259 -14.45 -15.53 -11.31
C VAL B 259 -13.52 -15.58 -12.51
N ALA B 260 -12.22 -15.50 -12.26
CA ALA B 260 -11.23 -15.60 -13.32
C ALA B 260 -11.24 -17.02 -13.90
N ALA B 261 -11.31 -18.02 -13.02
CA ALA B 261 -11.37 -19.41 -13.42
C ALA B 261 -12.67 -19.83 -14.13
N LYS B 262 -13.72 -19.02 -13.98
CA LYS B 262 -15.05 -19.25 -14.57
C LYS B 262 -15.73 -20.45 -13.93
N VAL B 263 -15.46 -20.67 -12.65
CA VAL B 263 -16.12 -21.72 -11.90
C VAL B 263 -17.34 -21.20 -11.12
N ILE B 264 -17.49 -19.87 -11.05
CA ILE B 264 -18.77 -19.21 -10.71
C ILE B 264 -19.06 -18.11 -11.76
N PRO B 265 -20.32 -17.61 -11.81
CA PRO B 265 -20.59 -16.57 -12.80
C PRO B 265 -20.01 -15.19 -12.41
N SER B 266 -19.85 -14.36 -13.43
CA SER B 266 -19.00 -13.17 -13.38
C SER B 266 -19.80 -11.92 -13.03
N PRO B 267 -19.31 -11.10 -12.07
CA PRO B 267 -19.92 -9.77 -11.84
C PRO B 267 -19.83 -8.80 -13.02
N PHE B 268 -18.91 -9.06 -13.95
CA PHE B 268 -18.66 -8.15 -15.08
C PHE B 268 -19.79 -8.11 -16.13
N LYS B 269 -20.76 -9.02 -16.02
CA LYS B 269 -21.95 -8.98 -16.87
C LYS B 269 -22.90 -7.84 -16.49
N HIS B 270 -22.96 -7.53 -15.19
CA HIS B 270 -23.94 -6.59 -14.63
C HIS B 270 -23.38 -5.30 -14.01
N ALA B 271 -22.24 -5.39 -13.31
CA ALA B 271 -21.60 -4.23 -12.69
C ALA B 271 -20.83 -3.38 -13.71
N ASP B 272 -20.79 -2.06 -13.48
CA ASP B 272 -19.94 -1.15 -14.27
C ASP B 272 -18.59 -0.87 -13.61
N ILE B 273 -18.49 -1.10 -12.30
CA ILE B 273 -17.23 -0.99 -11.57
C ILE B 273 -17.02 -2.29 -10.80
N VAL B 274 -15.81 -2.83 -10.89
CA VAL B 274 -15.41 -3.99 -10.09
C VAL B 274 -14.11 -3.68 -9.40
N THR B 275 -14.06 -3.93 -8.09
CA THR B 275 -12.84 -3.83 -7.34
C THR B 275 -12.44 -5.20 -6.83
N THR B 276 -11.13 -5.41 -6.66
CA THR B 276 -10.63 -6.62 -6.03
C THR B 276 -9.28 -6.42 -5.36
N THR B 277 -9.01 -7.26 -4.38
CA THR B 277 -7.66 -7.60 -3.98
C THR B 277 -7.00 -8.42 -5.06
N THR B 278 -5.67 -8.45 -5.02
CA THR B 278 -4.88 -9.33 -5.88
C THR B 278 -4.40 -10.57 -5.12
N HIS B 279 -4.49 -10.53 -3.79
CA HIS B 279 -4.22 -11.67 -2.91
C HIS B 279 -5.54 -12.46 -2.73
N LYS B 280 -5.68 -13.25 -1.66
CA LYS B 280 -6.88 -14.10 -1.49
C LYS B 280 -6.94 -15.15 -2.61
N THR B 281 -8.05 -15.27 -3.35
CA THR B 281 -8.17 -16.37 -4.31
C THR B 281 -7.39 -16.16 -5.61
N LEU B 282 -7.02 -14.91 -5.91
CA LEU B 282 -6.10 -14.67 -7.04
C LEU B 282 -4.65 -15.08 -6.73
N ARG B 283 -4.34 -15.25 -5.44
CA ARG B 283 -3.06 -15.84 -5.01
C ARG B 283 -1.82 -15.00 -5.38
N GLY B 284 -2.02 -13.69 -5.51
CA GLY B 284 -0.94 -12.76 -5.85
C GLY B 284 -0.35 -12.09 -4.63
N ALA B 285 0.43 -11.03 -4.89
CA ALA B 285 0.91 -10.15 -3.83
C ALA B 285 -0.24 -9.26 -3.36
N ARG B 286 -0.11 -8.75 -2.14
CA ARG B 286 -1.04 -7.75 -1.63
C ARG B 286 -1.02 -6.47 -2.46
N SER B 287 -2.15 -6.22 -3.11
CA SER B 287 -2.40 -5.03 -3.90
C SER B 287 -3.92 -5.03 -4.21
N GLY B 288 -4.34 -4.21 -5.15
CA GLY B 288 -5.75 -4.12 -5.50
C GLY B 288 -5.92 -3.69 -6.92
N LEU B 289 -7.10 -3.94 -7.48
CA LEU B 289 -7.44 -3.53 -8.84
C LEU B 289 -8.76 -2.79 -8.84
N ILE B 290 -8.93 -1.90 -9.81
CA ILE B 290 -10.21 -1.27 -10.10
C ILE B 290 -10.47 -1.45 -11.58
N PHE B 291 -11.48 -2.26 -11.91
CA PHE B 291 -11.94 -2.41 -13.29
C PHE B 291 -13.14 -1.48 -13.47
N TYR B 292 -13.27 -0.91 -14.65
CA TYR B 292 -14.32 0.05 -14.93
C TYR B 292 -14.70 -0.02 -16.40
N ARG B 293 -15.98 0.20 -16.71
N ARG B 293 -15.98 0.18 -16.72
CA ARG B 293 -16.45 0.20 -18.09
CA ARG B 293 -16.44 0.17 -18.11
C ARG B 293 -15.98 1.45 -18.81
C ARG B 293 -16.01 1.45 -18.81
N LYS B 294 -15.82 1.35 -20.13
CA LYS B 294 -15.40 2.48 -20.96
C LYS B 294 -16.00 2.35 -22.37
N GLY B 295 -15.80 3.38 -23.21
CA GLY B 295 -16.39 3.44 -24.55
C GLY B 295 -17.84 3.90 -24.49
N VAL B 296 -18.64 3.53 -25.49
CA VAL B 296 -20.02 4.05 -25.63
C VAL B 296 -20.98 3.41 -24.61
N LYS B 297 -21.89 4.21 -24.06
CA LYS B 297 -22.83 3.77 -23.04
C LYS B 297 -24.13 3.27 -23.67
N ALA B 298 -24.87 4.17 -24.32
CA ALA B 298 -26.22 3.88 -24.85
C ALA B 298 -26.34 4.29 -26.31
N ILE B 307 -22.19 9.10 -26.69
CA ILE B 307 -22.58 9.35 -25.31
C ILE B 307 -21.81 8.42 -24.32
N PRO B 308 -20.52 8.76 -24.02
CA PRO B 308 -19.64 7.77 -23.35
C PRO B 308 -19.82 7.60 -21.83
N TYR B 309 -19.38 6.44 -21.35
CA TYR B 309 -19.05 6.24 -19.95
C TYR B 309 -17.97 7.25 -19.57
N THR B 310 -17.99 7.69 -18.31
CA THR B 310 -17.01 8.67 -17.82
C THR B 310 -16.30 8.19 -16.54
N PHE B 311 -16.15 6.88 -16.38
CA PHE B 311 -15.51 6.29 -15.20
C PHE B 311 -13.98 6.41 -15.25
N GLU B 312 -13.40 6.08 -16.40
CA GLU B 312 -11.95 5.95 -16.56
C GLU B 312 -11.18 7.14 -15.99
N ASP B 313 -11.47 8.33 -16.51
CA ASP B 313 -10.74 9.54 -16.13
C ASP B 313 -10.90 9.89 -14.66
N ARG B 314 -12.10 9.73 -14.13
CA ARG B 314 -12.37 9.98 -12.72
C ARG B 314 -11.73 8.96 -11.79
N ILE B 315 -11.77 7.69 -12.19
CA ILE B 315 -11.18 6.62 -11.39
C ILE B 315 -9.66 6.78 -11.34
N ASN B 316 -9.04 7.05 -12.47
CA ASN B 316 -7.57 7.20 -12.52
C ASN B 316 -7.08 8.44 -11.74
N PHE B 317 -7.79 9.56 -11.91
CA PHE B 317 -7.48 10.79 -11.19
C PHE B 317 -7.60 10.58 -9.68
N ALA B 318 -8.60 9.81 -9.24
CA ALA B 318 -8.81 9.57 -7.81
C ALA B 318 -7.68 8.75 -7.17
N VAL B 319 -7.17 7.78 -7.92
CA VAL B 319 -6.04 6.99 -7.48
C VAL B 319 -4.80 7.88 -7.42
N PHE B 320 -4.54 8.60 -8.50
CA PHE B 320 -3.49 9.60 -8.51
C PHE B 320 -3.88 10.73 -9.46
N PRO B 321 -3.85 12.00 -9.03
CA PRO B 321 -3.16 12.49 -7.82
C PRO B 321 -3.92 12.59 -6.48
N SER B 322 -5.21 12.27 -6.45
CA SER B 322 -6.02 12.54 -5.25
C SER B 322 -5.65 11.75 -4.02
N LEU B 323 -5.53 10.43 -4.11
CA LEU B 323 -5.36 9.62 -2.90
C LEU B 323 -3.95 9.08 -2.69
N GLN B 324 -3.32 8.56 -3.73
CA GLN B 324 -2.05 7.84 -3.58
C GLN B 324 -0.88 8.66 -4.05
N GLY B 325 0.31 8.19 -3.68
CA GLY B 325 1.56 8.75 -4.16
C GLY B 325 2.17 7.82 -5.20
N GLY B 326 3.45 7.54 -5.02
CA GLY B 326 4.18 6.69 -5.95
C GLY B 326 3.58 5.30 -6.01
N PRO B 327 3.39 4.76 -7.22
CA PRO B 327 2.96 3.37 -7.34
C PRO B 327 3.98 2.42 -6.73
N HIS B 328 3.51 1.27 -6.28
CA HIS B 328 4.39 0.23 -5.75
C HIS B 328 4.65 -0.76 -6.87
N ASN B 329 5.62 -0.41 -7.73
CA ASN B 329 5.87 -1.12 -8.99
C ASN B 329 6.25 -2.57 -8.79
N HIS B 330 6.98 -2.85 -7.72
CA HIS B 330 7.25 -4.24 -7.30
C HIS B 330 5.97 -5.06 -7.05
N ALA B 331 4.99 -4.46 -6.37
CA ALA B 331 3.67 -5.09 -6.22
C ALA B 331 2.96 -5.27 -7.57
N ILE B 332 2.97 -4.22 -8.39
CA ILE B 332 2.33 -4.26 -9.73
C ILE B 332 2.87 -5.42 -10.58
N ALA B 333 4.19 -5.68 -10.47
CA ALA B 333 4.85 -6.74 -11.22
C ALA B 333 4.48 -8.11 -10.66
N ALA B 334 4.46 -8.26 -9.34
CA ALA B 334 4.04 -9.51 -8.70
C ALA B 334 2.59 -9.85 -9.04
N VAL B 335 1.73 -8.84 -9.05
CA VAL B 335 0.35 -8.98 -9.47
C VAL B 335 0.27 -9.47 -10.90
N ALA B 336 1.10 -8.92 -11.78
CA ALA B 336 1.12 -9.33 -13.17
C ALA B 336 1.49 -10.81 -13.33
N VAL B 337 2.45 -11.25 -12.53
CA VAL B 337 2.86 -12.65 -12.52
C VAL B 337 1.66 -13.51 -12.14
N ALA B 338 1.03 -13.19 -11.03
CA ALA B 338 -0.13 -13.94 -10.54
C ALA B 338 -1.33 -13.89 -11.50
N LEU B 339 -1.48 -12.78 -12.23
CA LEU B 339 -2.53 -12.66 -13.23
C LEU B 339 -2.27 -13.56 -14.43
N LYS B 340 -1.00 -13.75 -14.79
CA LYS B 340 -0.61 -14.70 -15.83
C LYS B 340 -0.98 -16.13 -15.39
N GLN B 341 -0.61 -16.48 -14.16
CA GLN B 341 -0.95 -17.77 -13.57
C GLN B 341 -2.46 -18.06 -13.56
N ALA B 342 -3.28 -17.02 -13.43
CA ALA B 342 -4.74 -17.15 -13.36
C ALA B 342 -5.39 -17.38 -14.72
N CYS B 343 -4.71 -16.97 -15.79
CA CYS B 343 -5.19 -17.25 -17.14
C CYS B 343 -5.03 -18.72 -17.59
N THR B 344 -4.33 -19.56 -16.82
CA THR B 344 -3.92 -20.88 -17.29
C THR B 344 -4.87 -22.00 -16.85
N PRO B 345 -4.87 -23.13 -17.59
CA PRO B 345 -5.63 -24.32 -17.21
C PRO B 345 -5.36 -24.83 -15.79
N MET B 346 -4.11 -24.72 -15.35
CA MET B 346 -3.72 -25.03 -13.96
C MET B 346 -4.62 -24.32 -12.93
N PHE B 347 -4.93 -23.06 -13.19
CA PHE B 347 -5.70 -22.23 -12.26
C PHE B 347 -7.19 -22.59 -12.21
N ARG B 348 -7.79 -22.80 -13.38
CA ARG B 348 -9.14 -23.38 -13.48
C ARG B 348 -9.29 -24.65 -12.61
N GLU B 349 -8.30 -25.55 -12.70
CA GLU B 349 -8.30 -26.78 -11.90
C GLU B 349 -8.09 -26.48 -10.42
N TYR B 350 -7.17 -25.54 -10.11
CA TYR B 350 -7.03 -25.04 -8.75
C TYR B 350 -8.38 -24.58 -8.19
N SER B 351 -9.11 -23.78 -8.97
CA SER B 351 -10.37 -23.19 -8.51
C SER B 351 -11.52 -24.21 -8.43
N LEU B 352 -11.60 -25.13 -9.41
CA LEU B 352 -12.58 -26.23 -9.36
C LEU B 352 -12.33 -27.01 -8.08
N GLN B 353 -11.05 -27.27 -7.78
CA GLN B 353 -10.71 -27.99 -6.56
C GLN B 353 -11.05 -27.22 -5.29
N VAL B 354 -10.99 -25.88 -5.37
CA VAL B 354 -11.41 -25.02 -4.27
C VAL B 354 -12.89 -25.27 -3.97
N LEU B 355 -13.73 -25.20 -5.01
CA LEU B 355 -15.18 -25.44 -4.88
C LEU B 355 -15.49 -26.83 -4.29
N LYS B 356 -14.86 -27.85 -4.88
CA LYS B 356 -15.03 -29.24 -4.44
C LYS B 356 -14.57 -29.46 -3.01
N ASN B 357 -13.47 -28.82 -2.62
CA ASN B 357 -12.95 -28.93 -1.24
C ASN B 357 -13.84 -28.24 -0.20
N ALA B 358 -14.51 -27.15 -0.58
CA ALA B 358 -15.48 -26.48 0.28
C ALA B 358 -16.77 -27.31 0.39
N ARG B 359 -17.29 -27.74 -0.77
CA ARG B 359 -18.34 -28.78 -0.86
C ARG B 359 -18.09 -29.94 0.10
N ALA B 360 -16.90 -30.53 -0.01
CA ALA B 360 -16.52 -31.68 0.82
C ALA B 360 -16.35 -31.35 2.30
N MET B 361 -15.88 -30.13 2.61
CA MET B 361 -15.84 -29.67 4.00
C MET B 361 -17.26 -29.45 4.53
N ALA B 362 -18.13 -28.89 3.68
CA ALA B 362 -19.54 -28.67 4.00
C ALA B 362 -20.27 -30.00 4.26
N ASP B 363 -20.34 -30.85 3.22
CA ASP B 363 -21.00 -32.16 3.31
C ASP B 363 -20.49 -32.98 4.50
N ALA B 364 -19.19 -32.92 4.78
CA ALA B 364 -18.59 -33.59 5.94
C ALA B 364 -19.04 -33.03 7.27
N LEU B 365 -19.17 -31.71 7.34
CA LEU B 365 -19.65 -31.04 8.57
C LEU B 365 -21.12 -31.39 8.84
N LEU B 366 -21.95 -31.32 7.81
CA LEU B 366 -23.36 -31.73 7.89
C LEU B 366 -23.46 -33.16 8.43
N GLU B 367 -22.69 -34.06 7.80
CA GLU B 367 -22.64 -35.49 8.15
C GLU B 367 -21.99 -35.83 9.51
N ARG B 368 -21.51 -34.84 10.25
CA ARG B 368 -21.20 -35.00 11.68
C ARG B 368 -22.18 -34.24 12.60
N GLY B 369 -23.31 -33.77 12.05
CA GLY B 369 -24.33 -33.07 12.85
C GLY B 369 -23.97 -31.64 13.22
N TYR B 370 -23.61 -30.87 12.19
CA TYR B 370 -23.32 -29.45 12.31
C TYR B 370 -24.29 -28.74 11.39
N SER B 371 -24.85 -27.64 11.88
CA SER B 371 -25.69 -26.78 11.04
C SER B 371 -24.82 -25.70 10.39
N LEU B 372 -25.16 -25.36 9.16
CA LEU B 372 -24.43 -24.41 8.35
C LEU B 372 -25.35 -23.30 7.82
N VAL B 373 -24.86 -22.05 7.89
CA VAL B 373 -25.63 -20.88 7.53
C VAL B 373 -25.86 -20.88 6.02
N SER B 374 -27.12 -20.74 5.63
CA SER B 374 -27.59 -20.88 4.23
C SER B 374 -27.67 -22.34 3.72
N GLY B 375 -27.36 -23.34 4.59
CA GLY B 375 -27.47 -24.76 4.23
C GLY B 375 -26.36 -25.42 3.43
N GLY B 376 -25.53 -24.64 2.73
CA GLY B 376 -24.52 -25.16 1.80
C GLY B 376 -23.43 -24.13 1.45
N THR B 377 -22.81 -24.31 0.28
CA THR B 377 -21.97 -23.29 -0.30
C THR B 377 -21.90 -23.46 -1.79
N ASP B 378 -21.82 -22.36 -2.51
CA ASP B 378 -21.52 -22.37 -3.94
C ASP B 378 -20.16 -21.73 -4.21
N ASN B 379 -19.31 -21.67 -3.18
CA ASN B 379 -18.02 -20.98 -3.29
C ASN B 379 -16.93 -21.59 -2.37
N HIS B 380 -15.95 -20.76 -2.02
CA HIS B 380 -14.71 -21.19 -1.40
C HIS B 380 -14.79 -21.37 0.11
N LEU B 381 -15.90 -21.01 0.72
CA LEU B 381 -15.99 -21.07 2.18
C LEU B 381 -17.30 -21.68 2.67
N VAL B 382 -17.32 -21.95 3.97
CA VAL B 382 -18.51 -22.47 4.63
C VAL B 382 -18.68 -21.74 5.95
N LEU B 383 -19.90 -21.28 6.18
CA LEU B 383 -20.25 -20.57 7.38
C LEU B 383 -20.88 -21.63 8.27
N VAL B 384 -20.23 -21.89 9.40
CA VAL B 384 -20.62 -22.95 10.31
C VAL B 384 -21.34 -22.32 11.50
N ASP B 385 -22.64 -22.54 11.59
CA ASP B 385 -23.44 -22.13 12.74
C ASP B 385 -23.15 -23.12 13.86
N LEU B 386 -22.44 -22.67 14.91
CA LEU B 386 -22.11 -23.52 16.07
C LEU B 386 -23.12 -23.38 17.22
N ARG B 387 -24.13 -22.52 17.06
CA ARG B 387 -25.18 -22.38 18.09
C ARG B 387 -26.01 -23.69 18.20
N PRO B 388 -26.56 -24.24 17.09
CA PRO B 388 -27.27 -25.54 17.13
C PRO B 388 -26.46 -26.79 17.53
N LYS B 389 -25.15 -26.66 17.74
CA LYS B 389 -24.33 -27.67 18.41
C LYS B 389 -23.94 -27.22 19.83
N GLY B 390 -24.57 -26.15 20.33
CA GLY B 390 -24.29 -25.66 21.67
C GLY B 390 -22.90 -25.11 21.92
N LEU B 391 -22.30 -24.49 20.90
CA LEU B 391 -21.08 -23.67 21.08
C LEU B 391 -21.19 -22.39 20.22
N ASP B 392 -20.06 -21.82 19.79
CA ASP B 392 -19.99 -20.47 19.24
C ASP B 392 -18.58 -20.24 18.64
N GLY B 393 -18.41 -19.15 17.90
CA GLY B 393 -17.12 -18.83 17.26
C GLY B 393 -15.94 -18.58 18.18
N ALA B 394 -16.12 -17.69 19.15
CA ALA B 394 -15.04 -17.28 20.05
C ALA B 394 -14.36 -18.46 20.73
N ARG B 395 -15.17 -19.44 21.14
CA ARG B 395 -14.66 -20.63 21.82
C ARG B 395 -13.93 -21.59 20.87
N ALA B 396 -14.59 -21.91 19.76
CA ALA B 396 -14.03 -22.78 18.72
C ALA B 396 -12.71 -22.28 18.18
N GLU B 397 -12.69 -21.01 17.76
CA GLU B 397 -11.50 -20.33 17.23
C GLU B 397 -10.27 -20.45 18.13
N ARG B 398 -10.43 -20.16 19.42
CA ARG B 398 -9.29 -20.20 20.34
C ARG B 398 -8.79 -21.64 20.56
N VAL B 399 -9.70 -22.62 20.53
CA VAL B 399 -9.34 -24.04 20.68
C VAL B 399 -8.55 -24.47 19.44
N LEU B 400 -9.17 -24.29 18.27
CA LEU B 400 -8.53 -24.61 17.00
C LEU B 400 -7.14 -23.97 16.84
N GLU B 401 -7.01 -22.70 17.24
CA GLU B 401 -5.74 -21.96 17.15
C GLU B 401 -4.61 -22.66 17.89
N LEU B 402 -4.89 -23.11 19.12
CA LEU B 402 -3.87 -23.78 19.94
C LEU B 402 -3.42 -25.13 19.39
N VAL B 403 -4.22 -25.72 18.51
CA VAL B 403 -3.82 -26.93 17.76
C VAL B 403 -3.40 -26.62 16.30
N SER B 404 -2.87 -25.42 16.06
CA SER B 404 -2.39 -24.96 14.73
C SER B 404 -3.44 -24.96 13.62
N ILE B 405 -4.71 -24.79 13.98
CA ILE B 405 -5.77 -24.64 12.97
C ILE B 405 -6.30 -23.22 13.08
N THR B 406 -6.21 -22.46 11.99
CA THR B 406 -6.60 -21.04 11.99
C THR B 406 -7.89 -20.83 11.19
N ALA B 407 -8.94 -20.44 11.92
CA ALA B 407 -10.23 -20.06 11.33
C ALA B 407 -10.79 -18.82 12.06
N ASN B 408 -11.90 -18.28 11.54
CA ASN B 408 -12.51 -17.02 12.02
C ASN B 408 -13.84 -17.17 12.74
N LYS B 409 -13.98 -16.45 13.86
CA LYS B 409 -15.28 -16.04 14.42
C LYS B 409 -16.16 -15.44 13.32
N ASN B 410 -17.45 -15.77 13.33
CA ASN B 410 -18.40 -15.26 12.34
C ASN B 410 -19.81 -15.12 12.94
N THR B 411 -20.39 -13.92 12.87
CA THR B 411 -21.74 -13.69 13.38
C THR B 411 -22.77 -14.29 12.39
N CYS B 412 -23.63 -15.17 12.91
CA CYS B 412 -24.74 -15.76 12.13
C CYS B 412 -26.07 -15.03 12.35
N PRO B 413 -27.03 -15.20 11.43
CA PRO B 413 -28.35 -14.58 11.62
C PRO B 413 -29.00 -14.98 12.95
N GLY B 414 -28.99 -16.28 13.26
CA GLY B 414 -29.60 -16.82 14.47
C GLY B 414 -28.92 -16.54 15.81
N ASP B 415 -27.88 -15.70 15.80
CA ASP B 415 -27.20 -15.23 17.01
C ASP B 415 -28.13 -14.44 17.93
N ARG B 416 -28.24 -14.90 19.18
CA ARG B 416 -29.15 -14.31 20.19
C ARG B 416 -28.43 -13.38 21.19
N SER B 417 -27.11 -13.57 21.35
CA SER B 417 -26.21 -12.51 21.83
C SER B 417 -25.65 -11.80 20.59
N ALA B 418 -25.18 -10.56 20.76
CA ALA B 418 -24.58 -9.80 19.66
C ALA B 418 -23.06 -9.57 19.84
N ILE B 419 -22.49 -10.03 20.96
CA ILE B 419 -21.10 -9.68 21.36
C ILE B 419 -20.08 -10.83 21.21
N THR B 420 -20.49 -12.07 21.49
CA THR B 420 -19.73 -13.27 21.12
C THR B 420 -20.46 -13.95 19.96
N PRO B 421 -19.79 -14.07 18.80
CA PRO B 421 -20.49 -14.66 17.64
C PRO B 421 -20.70 -16.15 17.81
N GLY B 422 -21.70 -16.67 17.09
CA GLY B 422 -22.12 -18.07 17.21
C GLY B 422 -21.77 -18.92 16.02
N GLY B 423 -20.71 -18.56 15.30
CA GLY B 423 -20.33 -19.23 14.05
C GLY B 423 -18.83 -19.32 13.77
N LEU B 424 -18.50 -19.90 12.62
CA LEU B 424 -17.12 -20.10 12.22
C LEU B 424 -17.03 -20.05 10.71
N ARG B 425 -16.13 -19.22 10.19
CA ARG B 425 -15.84 -19.16 8.75
C ARG B 425 -14.65 -20.08 8.49
N LEU B 426 -14.81 -20.94 7.50
CA LEU B 426 -13.82 -21.95 7.15
C LEU B 426 -13.67 -21.84 5.66
N GLY B 427 -12.43 -21.71 5.21
CA GLY B 427 -12.13 -21.51 3.81
C GLY B 427 -11.25 -22.60 3.23
N ALA B 428 -11.45 -22.83 1.94
CA ALA B 428 -10.67 -23.78 1.16
C ALA B 428 -9.33 -23.27 0.58
N PRO B 429 -9.30 -22.08 -0.07
CA PRO B 429 -8.22 -21.69 -1.01
C PRO B 429 -6.78 -21.95 -0.58
N ALA B 430 -6.47 -21.70 0.68
CA ALA B 430 -5.10 -21.84 1.17
C ALA B 430 -4.65 -23.30 1.07
N LEU B 431 -5.27 -24.19 1.85
CA LEU B 431 -4.88 -25.60 1.86
C LEU B 431 -4.98 -26.26 0.48
N THR B 432 -5.91 -25.84 -0.35
CA THR B 432 -6.01 -26.32 -1.74
C THR B 432 -4.74 -25.99 -2.55
N SER B 433 -4.17 -24.81 -2.30
CA SER B 433 -2.91 -24.40 -2.92
C SER B 433 -1.76 -25.31 -2.52
N ARG B 434 -1.87 -25.90 -1.32
CA ARG B 434 -0.98 -26.95 -0.84
C ARG B 434 -1.33 -28.39 -1.31
N GLN B 435 -2.07 -28.52 -2.42
CA GLN B 435 -2.45 -29.83 -2.99
C GLN B 435 -3.38 -30.68 -2.09
N PHE B 436 -4.20 -30.03 -1.26
CA PHE B 436 -5.26 -30.75 -0.53
C PHE B 436 -6.37 -31.14 -1.49
N ARG B 437 -6.92 -32.34 -1.28
CA ARG B 437 -8.08 -32.84 -2.00
C ARG B 437 -9.14 -33.23 -0.97
N GLU B 438 -10.28 -33.71 -1.47
CA GLU B 438 -11.49 -33.93 -0.65
C GLU B 438 -11.29 -34.74 0.63
N ASP B 439 -10.51 -35.81 0.53
N ASP B 439 -10.51 -35.82 0.53
CA ASP B 439 -10.20 -36.68 1.67
CA ASP B 439 -10.21 -36.66 1.70
C ASP B 439 -9.31 -35.98 2.72
C ASP B 439 -9.33 -35.95 2.72
N ASP B 440 -8.47 -35.06 2.24
CA ASP B 440 -7.61 -34.27 3.13
C ASP B 440 -8.49 -33.29 3.92
N PHE B 441 -9.46 -32.69 3.25
CA PHE B 441 -10.42 -31.80 3.92
C PHE B 441 -11.35 -32.54 4.89
N ARG B 442 -11.81 -33.75 4.53
CA ARG B 442 -12.52 -34.63 5.48
C ARG B 442 -11.73 -34.88 6.77
N ARG B 443 -10.42 -35.02 6.62
CA ARG B 443 -9.54 -35.24 7.76
C ARG B 443 -9.29 -33.96 8.56
N VAL B 444 -9.32 -32.81 7.87
CA VAL B 444 -9.29 -31.50 8.54
C VAL B 444 -10.53 -31.37 9.42
N VAL B 445 -11.70 -31.56 8.80
CA VAL B 445 -13.00 -31.56 9.50
C VAL B 445 -12.95 -32.47 10.73
N ASP B 446 -12.35 -33.65 10.58
CA ASP B 446 -12.14 -34.58 11.70
C ASP B 446 -11.31 -33.95 12.83
N PHE B 447 -10.24 -33.25 12.45
CA PHE B 447 -9.44 -32.49 13.42
C PHE B 447 -10.23 -31.35 14.06
N ILE B 448 -11.06 -30.67 13.26
CA ILE B 448 -11.92 -29.59 13.76
C ILE B 448 -12.90 -30.17 14.78
N ASP B 449 -13.61 -31.22 14.39
CA ASP B 449 -14.57 -31.93 15.25
C ASP B 449 -14.00 -32.24 16.64
N GLU B 450 -12.73 -32.63 16.70
CA GLU B 450 -12.05 -32.86 17.98
C GLU B 450 -11.84 -31.57 18.74
N GLY B 451 -11.52 -30.48 18.04
CA GLY B 451 -11.42 -29.15 18.65
C GLY B 451 -12.75 -28.68 19.21
N VAL B 452 -13.78 -28.66 18.36
CA VAL B 452 -15.15 -28.33 18.78
C VAL B 452 -15.53 -29.13 20.02
N ASN B 453 -15.26 -30.45 20.00
CA ASN B 453 -15.59 -31.34 21.13
C ASN B 453 -14.76 -31.12 22.40
N ILE B 454 -13.53 -30.65 22.28
CA ILE B 454 -12.80 -30.15 23.45
C ILE B 454 -13.48 -28.84 23.89
N GLY B 455 -13.89 -28.02 22.92
CA GLY B 455 -14.65 -26.79 23.18
C GLY B 455 -15.98 -26.98 23.87
N LEU B 456 -16.76 -27.98 23.43
CA LEU B 456 -18.02 -28.35 24.08
C LEU B 456 -17.74 -28.92 25.48
N GLU B 457 -16.70 -29.75 25.59
CA GLU B 457 -16.33 -30.39 26.86
C GLU B 457 -15.67 -29.42 27.86
N VAL B 458 -15.20 -28.27 27.40
CA VAL B 458 -14.70 -27.21 28.28
C VAL B 458 -15.77 -26.15 28.60
N LYS B 459 -16.72 -25.91 27.67
CA LYS B 459 -17.90 -25.05 27.90
C LYS B 459 -18.77 -25.50 29.10
N SER B 460 -18.96 -26.82 29.23
CA SER B 460 -19.74 -27.38 30.35
C SER B 460 -18.98 -27.34 31.68
N LYS B 461 -17.65 -27.28 31.63
CA LYS B 461 -16.79 -27.14 32.83
C LYS B 461 -16.33 -25.70 33.12
N THR B 462 -16.82 -24.72 32.36
CA THR B 462 -16.46 -23.28 32.54
C THR B 462 -17.66 -22.34 32.49
N ALA B 463 -17.47 -21.12 33.02
CA ALA B 463 -18.52 -20.09 33.08
C ALA B 463 -18.42 -19.08 31.91
N LYS B 464 -17.52 -18.10 32.02
CA LYS B 464 -17.42 -16.99 31.04
C LYS B 464 -16.41 -17.29 29.93
N LEU B 465 -16.30 -16.39 28.95
CA LEU B 465 -15.37 -16.54 27.83
C LEU B 465 -13.88 -16.43 28.21
N GLN B 466 -13.55 -15.58 29.18
CA GLN B 466 -12.17 -15.48 29.67
C GLN B 466 -11.82 -16.64 30.61
N ASP B 467 -12.82 -17.23 31.26
CA ASP B 467 -12.63 -18.51 31.98
C ASP B 467 -12.30 -19.64 31.02
N PHE B 468 -13.08 -19.71 29.94
CA PHE B 468 -12.92 -20.71 28.87
C PHE B 468 -11.50 -20.69 28.28
N LYS B 469 -10.97 -19.49 28.06
CA LYS B 469 -9.65 -19.30 27.46
C LYS B 469 -8.52 -19.72 28.40
N SER B 470 -8.66 -19.42 29.70
CA SER B 470 -7.66 -19.83 30.70
C SER B 470 -7.65 -21.36 30.85
N PHE B 471 -8.84 -21.95 30.96
CA PHE B 471 -8.99 -23.43 31.09
C PHE B 471 -8.23 -24.24 30.02
N LEU B 472 -8.11 -23.68 28.80
CA LEU B 472 -7.34 -24.31 27.72
C LEU B 472 -5.84 -24.37 28.02
N LEU B 473 -5.28 -23.26 28.48
CA LEU B 473 -3.85 -23.16 28.78
C LEU B 473 -3.50 -23.75 30.14
N LYS B 474 -4.43 -23.68 31.10
CA LYS B 474 -4.13 -23.96 32.51
C LYS B 474 -4.33 -25.44 32.90
N ASP B 475 -5.47 -26.01 32.49
CA ASP B 475 -5.86 -27.37 32.88
C ASP B 475 -5.01 -28.44 32.17
N SER B 476 -4.27 -29.23 32.95
CA SER B 476 -3.26 -30.19 32.41
C SER B 476 -3.84 -31.29 31.51
N GLU B 477 -5.03 -31.78 31.85
CA GLU B 477 -5.72 -32.79 31.02
C GLU B 477 -6.21 -32.21 29.67
N THR B 478 -6.67 -30.96 29.70
CA THR B 478 -7.05 -30.24 28.48
C THR B 478 -5.82 -29.77 27.68
N SER B 479 -4.75 -29.36 28.38
CA SER B 479 -3.44 -29.01 27.75
C SER B 479 -2.93 -30.09 26.83
N GLN B 480 -2.79 -31.29 27.39
CA GLN B 480 -2.13 -32.39 26.70
C GLN B 480 -3.07 -33.14 25.76
N ARG B 481 -4.38 -32.98 25.94
CA ARG B 481 -5.35 -33.33 24.90
C ARG B 481 -5.21 -32.39 23.68
N LEU B 482 -4.97 -31.10 23.92
CA LEU B 482 -4.65 -30.12 22.85
C LEU B 482 -3.26 -30.34 22.24
N ALA B 483 -2.25 -30.47 23.10
CA ALA B 483 -0.86 -30.73 22.67
C ALA B 483 -0.73 -32.02 21.84
N ASN B 484 -1.56 -33.03 22.13
CA ASN B 484 -1.66 -34.25 21.33
C ASN B 484 -2.31 -33.97 19.98
N LEU B 485 -3.48 -33.32 20.02
CA LEU B 485 -4.21 -32.94 18.81
C LEU B 485 -3.37 -32.02 17.91
N ARG B 486 -2.57 -31.14 18.53
CA ARG B 486 -1.67 -30.24 17.80
C ARG B 486 -0.62 -31.06 17.05
N GLN B 487 0.13 -31.88 17.79
CA GLN B 487 1.20 -32.70 17.23
C GLN B 487 0.71 -33.49 16.02
N ARG B 488 -0.50 -34.05 16.11
CA ARG B 488 -1.10 -34.78 14.99
C ARG B 488 -1.49 -33.89 13.82
N VAL B 489 -2.01 -32.69 14.10
CA VAL B 489 -2.32 -31.70 13.04
C VAL B 489 -1.06 -31.25 12.30
N GLU B 490 -0.02 -30.92 13.05
CA GLU B 490 1.24 -30.46 12.46
C GLU B 490 1.89 -31.52 11.60
N GLN B 491 1.98 -32.73 12.14
CA GLN B 491 2.52 -33.89 11.43
C GLN B 491 1.74 -34.14 10.15
N PHE B 492 0.43 -33.94 10.18
CA PHE B 492 -0.42 -34.04 8.99
C PHE B 492 -0.15 -32.90 7.98
N ALA B 493 -0.07 -31.67 8.48
CA ALA B 493 0.07 -30.50 7.61
C ALA B 493 1.46 -30.40 6.95
N ARG B 494 2.51 -30.67 7.72
CA ARG B 494 3.91 -30.57 7.25
C ARG B 494 4.18 -31.32 5.94
N ALA B 495 3.55 -32.48 5.80
CA ALA B 495 3.80 -33.36 4.65
C ALA B 495 3.37 -32.80 3.29
N PHE B 496 2.48 -31.82 3.29
CA PHE B 496 2.00 -31.24 2.04
C PHE B 496 2.97 -30.16 1.54
N PRO B 497 3.01 -29.94 0.22
CA PRO B 497 3.88 -28.88 -0.30
C PRO B 497 3.39 -27.48 0.06
N MET B 498 4.23 -26.48 -0.19
CA MET B 498 4.00 -25.10 0.19
C MET B 498 4.54 -24.22 -0.93
N PRO B 499 3.68 -23.39 -1.52
CA PRO B 499 4.24 -22.42 -2.46
C PRO B 499 5.22 -21.42 -1.80
N GLY B 500 6.09 -20.83 -2.62
CA GLY B 500 7.05 -19.83 -2.20
C GLY B 500 8.48 -20.34 -2.12
N PHE B 501 9.30 -19.63 -1.33
CA PHE B 501 10.67 -20.03 -1.09
C PHE B 501 10.66 -21.13 -0.04
N ASP B 502 11.71 -21.94 0.00
CA ASP B 502 11.79 -23.07 0.92
C ASP B 502 11.87 -22.65 2.38
N GLU B 503 12.60 -21.57 2.64
CA GLU B 503 13.06 -21.22 3.99
C GLU B 503 12.67 -19.81 4.49
N HIS B 504 11.94 -19.02 3.69
CA HIS B 504 11.48 -17.69 4.11
C HIS B 504 10.27 -17.18 3.32
C1 GOL C . 17.54 32.80 -4.86
O1 GOL C . 16.36 32.35 -4.18
C2 GOL C . 18.20 34.00 -4.21
O2 GOL C . 17.46 35.16 -4.62
C3 GOL C . 18.28 33.95 -2.68
O3 GOL C . 19.64 33.78 -2.24
C1 GOL D . -5.96 22.01 20.00
O1 GOL D . -4.53 22.16 19.87
C2 GOL D . -6.56 21.16 18.88
O2 GOL D . -7.99 21.23 18.92
C3 GOL D . -6.03 21.62 17.51
O3 GOL D . -6.92 21.33 16.43
C1 PEG E . 19.88 31.00 3.65
O1 PEG E . 19.21 30.14 4.59
C2 PEG E . 19.13 31.07 2.32
O2 PEG E . 19.44 32.30 1.63
C3 PEG E . 18.36 33.16 1.23
C4 PEG E . 18.72 34.63 1.43
O4 PEG E . 17.97 35.21 2.52
CA CA F . 22.25 18.70 13.87
N1 PLP G . 5.00 13.68 1.76
C2 PLP G . 6.23 14.13 1.45
C2A PLP G . 6.78 15.40 2.07
C3 PLP G . 7.01 13.37 0.48
O3 PLP G . 8.25 13.76 0.13
C4 PLP G . 6.47 12.13 -0.09
C4A PLP G . 7.31 11.36 -1.06
C5 PLP G . 5.11 11.73 0.34
C6 PLP G . 4.45 12.56 1.26
C5A PLP G . 4.34 10.53 -0.18
O4P PLP G . 4.99 9.27 -0.28
P PLP G . 4.32 8.13 -1.22
O1P PLP G . 4.69 8.47 -2.64
O2P PLP G . 4.93 6.89 -0.66
O3P PLP G . 2.83 8.28 -0.99
C1 GOL H . -16.81 -11.16 -2.97
O1 GOL H . -16.54 -10.04 -2.11
C2 GOL H . -18.20 -11.20 -3.63
O2 GOL H . -19.16 -11.44 -2.59
C3 GOL H . -18.65 -9.97 -4.44
O3 GOL H . -18.50 -9.99 -5.87
C1 4DW I . 0.53 17.24 -9.75
C2 4DW I . 0.19 18.57 -9.90
C3 4DW I . -0.97 18.94 -10.58
C4 4DW I . -1.80 17.97 -11.12
C5 4DW I . -1.45 16.64 -10.98
C6 4DW I . -0.30 16.28 -10.30
C7 4DW I . 1.77 16.82 -9.02
C8 4DW I . 2.89 16.32 -9.95
C9 4DW I . 4.08 15.83 -9.17
C10 4DW I . 4.48 14.55 -8.99
N11 4DW I . 5.60 14.52 -8.18
C12 4DW I . 5.91 15.81 -7.83
C13 4DW I . 4.98 16.65 -8.42
C14 4DW I . 5.11 18.06 -8.18
O15 4DW I . 4.38 18.92 -8.66
N16 4DW I . 6.11 18.51 -7.40
C17 4DW I . 6.97 17.65 -6.85
N18 4DW I . 6.90 16.31 -7.05
N19 4DW I . 7.97 18.11 -6.07
C20 4DW I . -3.04 18.36 -11.88
O21 4DW I . -3.33 19.54 -12.03
N22 4DW I . -3.72 17.38 -12.49
C23 4DW I . -4.17 17.42 -13.87
C24 4DW I . -5.39 18.28 -14.03
C25 4DW I . -6.56 17.86 -14.51
C26 4DW I . -7.78 18.69 -14.61
O27 4DW I . -7.78 19.86 -14.26
O28 4DW I . -8.83 18.09 -15.09
C29 4DW I . -3.03 17.76 -14.87
O30 4DW I . -1.90 17.23 -14.66
O31 4DW I . -3.31 18.52 -15.82
N1 PLP J . -13.22 -5.90 0.09
C2 PLP J . -13.55 -7.19 0.29
C2A PLP J . -14.86 -7.75 -0.19
C3 PLP J . -12.58 -8.06 0.99
O3 PLP J . -12.82 -9.36 1.22
C4 PLP J . -11.31 -7.49 1.47
C4A PLP J . -10.35 -8.44 2.14
C5 PLP J . -11.04 -6.05 1.17
C6 PLP J . -12.06 -5.34 0.50
C5A PLP J . -9.79 -5.31 1.61
O4P PLP J . -8.48 -5.84 1.34
P PLP J . -7.18 -5.22 2.09
O1P PLP J . -6.04 -5.62 1.20
O2P PLP J . -7.16 -5.82 3.48
O3P PLP J . -7.46 -3.73 2.10
#